data_6VQU
#
_entry.id   6VQU
#
_cell.length_a   1.00
_cell.length_b   1.00
_cell.length_c   1.00
_cell.angle_alpha   90.00
_cell.angle_beta   90.00
_cell.angle_gamma   90.00
#
_symmetry.space_group_name_H-M   'P 1'
#
_entity_poly.entity_id   1
_entity_poly.type   'polypeptide(L)'
_entity_poly.pdbx_seq_one_letter_code
;MPPETATNPKDARHDGWQTLKRFLPYLWPADNAVLRRRVVGAILMVLLGKATTLALPFAYKKAVDAMTLGGGAQPALTVA
LAFVLAYALGRFSGVLFDNLRNIVFERVGQDATRHLAENVFARLHKLSLRFHLARRTGEVTKVIERGTKSIDTMLYFLLF
NIAPTVIELTAVIVIFWLNFGLGLVTATILAVIAYVWTTRTITEWRTHLREKMNRLDGQALARAVDSLLNYETVKYFGAE
SREEARYASAARAYADAAVKSENSLGLLNIAQALIVNLLMAGAMAWTVYGWSQGKLTVGDLVFVNTYLTQLFRPLDMLGM
VYRTIRQGLIDMAEMFRLIDTHIEVADVPNAPALVVNRPSVTFDNVVFGYDRDREILHGLSFEVAAGSRVAIVGPSGAGK
STIARLLFRFYDPWEGRILIDGQDIAHVTQTSLRAALGIVPQDSVLFNDTIGYNIAYGRDGASRAEVDAAAKGAAIADFI
ARLPQGYDTEVGERGLKLSGGEKQRVAIARTLVKNPPILLFDEATSALDTRTEQDILSTMRAVASHRTTISIAHRLSTIA
DSDTILVLDQGRLAEQGSHLDLLRRDGLYAEMWARQAAESAEVSEAAEHHHHHH
;
_entity_poly.pdbx_strand_id   A,B
#
# COMPACT_ATOMS: atom_id res chain seq x y z
N HIS A 14 20.98 7.28 21.90
CA HIS A 14 20.67 7.71 20.54
C HIS A 14 21.56 8.89 20.12
N ASP A 15 22.82 8.59 19.82
CA ASP A 15 23.76 9.59 19.35
C ASP A 15 24.41 9.11 18.06
N GLY A 16 24.62 10.05 17.14
CA GLY A 16 25.21 9.70 15.86
C GLY A 16 26.63 9.17 15.97
N TRP A 17 27.39 9.71 16.93
CA TRP A 17 28.78 9.28 17.14
C TRP A 17 28.87 7.82 17.51
N GLN A 18 28.25 7.44 18.64
CA GLN A 18 28.32 6.06 19.11
C GLN A 18 27.56 5.12 18.19
N THR A 19 26.46 5.59 17.60
CA THR A 19 25.66 4.75 16.70
C THR A 19 26.44 4.40 15.44
N LEU A 20 27.02 5.39 14.79
CA LEU A 20 27.77 5.11 13.57
C LEU A 20 29.10 4.46 13.90
N LYS A 21 29.64 4.68 15.09
CA LYS A 21 30.87 3.99 15.48
C LYS A 21 30.59 2.52 15.75
N ARG A 22 29.38 2.19 16.19
CA ARG A 22 28.98 0.80 16.25
C ARG A 22 28.79 0.25 14.85
N PHE A 23 28.27 1.07 13.93
CA PHE A 23 28.06 0.58 12.58
C PHE A 23 29.36 0.40 11.80
N LEU A 24 30.41 1.12 12.19
CA LEU A 24 31.66 1.15 11.42
C LEU A 24 32.34 -0.21 11.21
N PRO A 25 32.31 -1.18 12.12
CA PRO A 25 32.81 -2.51 11.73
C PRO A 25 31.93 -3.21 10.70
N TYR A 26 30.64 -2.87 10.62
CA TYR A 26 29.80 -3.55 9.65
C TYR A 26 30.05 -3.05 8.24
N LEU A 27 30.66 -1.89 8.11
CA LEU A 27 31.11 -1.44 6.80
C LEU A 27 32.55 -1.79 6.54
N TRP A 28 33.41 -1.64 7.56
CA TRP A 28 34.84 -1.92 7.48
C TRP A 28 35.07 -3.16 8.32
N PRO A 29 34.99 -4.35 7.71
CA PRO A 29 34.93 -5.57 8.52
C PRO A 29 36.24 -5.97 9.14
N ALA A 30 37.36 -5.51 8.58
CA ALA A 30 38.73 -5.98 8.81
C ALA A 30 38.86 -7.49 8.57
N ASP A 31 37.98 -8.08 7.77
CA ASP A 31 38.00 -9.50 7.47
C ASP A 31 37.84 -9.82 6.00
N ASN A 32 37.25 -8.95 5.20
CA ASN A 32 37.04 -9.22 3.79
C ASN A 32 37.80 -8.18 2.97
N ALA A 33 38.87 -8.64 2.32
CA ALA A 33 39.76 -7.75 1.61
C ALA A 33 39.09 -7.16 0.38
N VAL A 34 38.17 -7.89 -0.25
CA VAL A 34 37.45 -7.34 -1.38
C VAL A 34 36.52 -6.23 -0.91
N LEU A 35 36.01 -6.33 0.32
CA LEU A 35 35.17 -5.27 0.87
C LEU A 35 35.96 -4.01 1.16
N ARG A 36 37.13 -4.13 1.80
CA ARG A 36 37.92 -2.95 2.09
C ARG A 36 38.49 -2.34 0.83
N ARG A 37 38.85 -3.19 -0.15
CA ARG A 37 39.30 -2.69 -1.45
C ARG A 37 38.16 -1.98 -2.17
N ARG A 38 36.94 -2.48 -2.03
CA ARG A 38 35.80 -1.85 -2.69
C ARG A 38 35.48 -0.50 -2.07
N VAL A 39 35.59 -0.38 -0.75
CA VAL A 39 35.25 0.90 -0.13
C VAL A 39 36.35 1.93 -0.37
N VAL A 40 37.62 1.50 -0.44
CA VAL A 40 38.67 2.48 -0.72
C VAL A 40 38.63 2.87 -2.19
N GLY A 41 38.18 1.96 -3.06
CA GLY A 41 37.97 2.33 -4.45
C GLY A 41 36.80 3.29 -4.60
N ALA A 42 35.79 3.16 -3.72
CA ALA A 42 34.65 4.05 -3.76
C ALA A 42 35.04 5.47 -3.40
N ILE A 43 35.78 5.65 -2.31
CA ILE A 43 36.17 7.02 -1.94
C ILE A 43 37.21 7.56 -2.92
N LEU A 44 38.01 6.67 -3.52
CA LEU A 44 38.93 7.09 -4.57
C LEU A 44 38.17 7.63 -5.78
N MET A 45 37.10 6.95 -6.17
CA MET A 45 36.30 7.41 -7.30
C MET A 45 35.57 8.72 -6.97
N VAL A 46 35.15 8.89 -5.72
CA VAL A 46 34.52 10.15 -5.30
C VAL A 46 35.48 11.31 -5.47
N LEU A 47 36.68 11.17 -4.90
CA LEU A 47 37.66 12.25 -4.96
C LEU A 47 38.13 12.50 -6.38
N LEU A 48 38.24 11.45 -7.18
CA LEU A 48 38.69 11.61 -8.56
C LEU A 48 37.63 12.32 -9.39
N GLY A 49 36.35 12.01 -9.16
CA GLY A 49 35.29 12.66 -9.90
C GLY A 49 35.17 14.15 -9.57
N LYS A 50 35.23 14.49 -8.28
CA LYS A 50 35.16 15.90 -7.92
C LYS A 50 36.41 16.65 -8.38
N ALA A 51 37.56 15.97 -8.39
CA ALA A 51 38.79 16.62 -8.84
C ALA A 51 38.73 16.95 -10.32
N THR A 52 38.28 16.01 -11.15
CA THR A 52 38.23 16.32 -12.58
C THR A 52 37.10 17.31 -12.89
N THR A 53 36.03 17.29 -12.09
CA THR A 53 34.95 18.25 -12.30
C THR A 53 35.39 19.67 -11.99
N LEU A 54 36.18 19.86 -10.93
CA LEU A 54 36.66 21.19 -10.64
C LEU A 54 37.82 21.57 -11.56
N ALA A 55 38.48 20.58 -12.15
CA ALA A 55 39.68 20.90 -12.91
C ALA A 55 39.38 21.24 -14.37
N LEU A 56 38.24 20.78 -14.90
CA LEU A 56 37.94 21.11 -16.30
C LEU A 56 37.72 22.60 -16.65
N PRO A 57 37.04 23.45 -15.86
CA PRO A 57 36.81 24.81 -16.36
C PRO A 57 38.06 25.66 -16.35
N PHE A 58 39.07 25.25 -15.58
CA PHE A 58 40.38 25.86 -15.66
C PHE A 58 40.96 25.70 -17.06
N ALA A 59 40.84 24.50 -17.61
CA ALA A 59 41.31 24.26 -18.98
C ALA A 59 40.45 25.02 -19.98
N TYR A 60 39.17 25.19 -19.69
CA TYR A 60 38.32 25.99 -20.56
C TYR A 60 38.76 27.46 -20.57
N LYS A 61 39.14 27.99 -19.39
CA LYS A 61 39.60 29.37 -19.31
C LYS A 61 40.91 29.55 -20.04
N LYS A 62 41.81 28.57 -19.92
CA LYS A 62 43.07 28.63 -20.66
C LYS A 62 42.84 28.57 -22.16
N ALA A 63 41.80 27.84 -22.59
CA ALA A 63 41.46 27.79 -24.01
C ALA A 63 41.00 29.15 -24.52
N VAL A 64 40.11 29.80 -23.77
CA VAL A 64 39.62 31.11 -24.21
C VAL A 64 40.73 32.16 -24.17
N ASP A 65 41.62 32.06 -23.18
CA ASP A 65 42.75 32.98 -23.11
C ASP A 65 43.71 32.79 -24.28
N ALA A 66 43.96 31.54 -24.65
CA ALA A 66 44.84 31.27 -25.78
C ALA A 66 44.19 31.69 -27.09
N MET A 67 42.85 31.66 -27.15
CA MET A 67 42.22 32.12 -28.37
C MET A 67 42.16 33.64 -28.44
N THR A 68 42.13 34.32 -27.31
CA THR A 68 42.00 35.77 -27.36
C THR A 68 43.34 36.50 -27.35
N LEU A 69 44.43 35.84 -26.98
CA LEU A 69 45.72 36.53 -26.96
C LEU A 69 46.62 35.96 -28.04
N GLY A 70 46.06 35.77 -29.24
CA GLY A 70 46.78 35.14 -30.33
C GLY A 70 47.81 36.02 -31.02
N GLY A 71 48.07 37.22 -30.51
CA GLY A 71 49.18 38.01 -31.02
C GLY A 71 50.52 37.41 -30.65
N GLY A 72 50.56 36.70 -29.53
CA GLY A 72 51.78 36.06 -29.08
C GLY A 72 51.85 34.57 -29.35
N ALA A 73 50.69 33.91 -29.46
CA ALA A 73 50.64 32.46 -29.68
C ALA A 73 49.91 32.19 -31.00
N GLN A 74 50.71 32.06 -32.07
CA GLN A 74 50.18 31.77 -33.41
C GLN A 74 49.56 30.38 -33.55
N PRO A 75 50.16 29.25 -33.03
CA PRO A 75 49.40 27.98 -33.09
C PRO A 75 48.23 27.89 -32.11
N ALA A 76 47.31 28.85 -32.24
CA ALA A 76 46.14 28.89 -31.38
C ALA A 76 45.18 27.78 -31.74
N LEU A 77 45.22 27.35 -33.02
CA LEU A 77 44.70 26.04 -33.43
C LEU A 77 45.07 24.95 -32.44
N THR A 78 46.37 24.74 -32.26
CA THR A 78 46.85 23.64 -31.44
C THR A 78 46.48 23.82 -29.99
N VAL A 79 46.75 25.01 -29.43
CA VAL A 79 46.56 25.21 -28.00
C VAL A 79 45.08 25.20 -27.64
N ALA A 80 44.27 25.94 -28.39
CA ALA A 80 42.84 26.02 -28.10
C ALA A 80 42.16 24.69 -28.36
N LEU A 81 42.55 23.99 -29.43
CA LEU A 81 41.96 22.70 -29.74
C LEU A 81 42.28 21.68 -28.66
N ALA A 82 43.51 21.71 -28.15
CA ALA A 82 43.91 20.78 -27.12
C ALA A 82 43.18 21.03 -25.81
N PHE A 83 43.13 22.30 -25.38
CA PHE A 83 42.47 22.59 -24.12
C PHE A 83 40.96 22.37 -24.21
N VAL A 84 40.38 22.57 -25.38
CA VAL A 84 38.95 22.38 -25.54
C VAL A 84 38.59 20.90 -25.53
N LEU A 85 39.38 20.07 -26.22
CA LEU A 85 39.14 18.63 -26.17
C LEU A 85 39.38 18.09 -24.78
N ALA A 86 40.34 18.68 -24.06
CA ALA A 86 40.54 18.31 -22.66
C ALA A 86 39.33 18.67 -21.81
N TYR A 87 38.69 19.80 -22.11
CA TYR A 87 37.49 20.21 -21.38
C TYR A 87 36.35 19.20 -21.58
N ALA A 88 36.12 18.81 -22.83
CA ALA A 88 35.02 17.89 -23.13
C ALA A 88 35.28 16.52 -22.52
N LEU A 89 36.52 16.03 -22.64
CA LEU A 89 36.86 14.74 -22.06
C LEU A 89 36.81 14.79 -20.53
N GLY A 90 37.12 15.93 -19.93
CA GLY A 90 37.02 16.04 -18.49
C GLY A 90 35.59 16.01 -18.00
N ARG A 91 34.68 16.62 -18.75
CA ARG A 91 33.26 16.56 -18.42
C ARG A 91 32.75 15.12 -18.46
N PHE A 92 33.10 14.42 -19.55
CA PHE A 92 32.72 13.02 -19.66
C PHE A 92 33.34 12.17 -18.56
N SER A 93 34.58 12.49 -18.19
CA SER A 93 35.25 11.69 -17.15
C SER A 93 34.65 11.95 -15.79
N GLY A 94 34.15 13.16 -15.56
CA GLY A 94 33.48 13.46 -14.30
C GLY A 94 32.23 12.63 -14.12
N VAL A 95 31.40 12.58 -15.17
CA VAL A 95 30.17 11.78 -15.05
C VAL A 95 30.51 10.29 -15.02
N LEU A 96 31.60 9.90 -15.69
CA LEU A 96 32.08 8.53 -15.67
C LEU A 96 32.48 8.10 -14.27
N PHE A 97 33.18 8.98 -13.55
CA PHE A 97 33.64 8.62 -12.22
C PHE A 97 32.51 8.60 -11.21
N ASP A 98 31.49 9.44 -11.42
CA ASP A 98 30.34 9.39 -10.52
C ASP A 98 29.55 8.10 -10.69
N ASN A 99 29.37 7.66 -11.93
CA ASN A 99 28.64 6.40 -12.07
C ASN A 99 29.50 5.20 -11.67
N LEU A 100 30.83 5.32 -11.79
CA LEU A 100 31.69 4.25 -11.30
C LEU A 100 31.69 4.16 -9.78
N ARG A 101 31.59 5.30 -9.09
CA ARG A 101 31.53 5.23 -7.63
C ARG A 101 30.21 4.62 -7.18
N ASN A 102 29.13 4.85 -7.95
CA ASN A 102 27.88 4.18 -7.63
C ASN A 102 27.98 2.66 -7.84
N ILE A 103 28.64 2.26 -8.94
CA ILE A 103 28.76 0.84 -9.28
C ILE A 103 29.59 0.10 -8.25
N VAL A 104 30.70 0.69 -7.83
CA VAL A 104 31.57 0.01 -6.88
C VAL A 104 30.97 0.05 -5.48
N PHE A 105 30.17 1.08 -5.17
CA PHE A 105 29.77 1.26 -3.78
C PHE A 105 28.46 0.56 -3.43
N GLU A 106 27.61 0.28 -4.43
CA GLU A 106 26.28 -0.25 -4.13
C GLU A 106 26.33 -1.64 -3.53
N ARG A 107 27.27 -2.48 -3.99
CA ARG A 107 27.41 -3.81 -3.41
C ARG A 107 27.88 -3.74 -1.96
N VAL A 108 28.72 -2.74 -1.65
CA VAL A 108 29.17 -2.52 -0.29
C VAL A 108 28.01 -2.15 0.61
N GLY A 109 27.17 -1.22 0.15
CA GLY A 109 26.00 -0.82 0.94
C GLY A 109 25.04 -1.97 1.18
N GLN A 110 24.79 -2.76 0.13
CA GLN A 110 23.89 -3.89 0.25
C GLN A 110 24.43 -4.96 1.19
N ASP A 111 25.74 -5.20 1.15
CA ASP A 111 26.29 -6.23 2.03
C ASP A 111 26.35 -5.76 3.47
N ALA A 112 26.53 -4.46 3.69
CA ALA A 112 26.49 -3.94 5.05
C ALA A 112 25.11 -4.08 5.66
N THR A 113 24.07 -3.65 4.93
CA THR A 113 22.73 -3.78 5.49
C THR A 113 22.29 -5.25 5.54
N ARG A 114 22.82 -6.10 4.66
CA ARG A 114 22.45 -7.50 4.70
C ARG A 114 23.07 -8.19 5.91
N HIS A 115 24.31 -7.85 6.26
CA HIS A 115 24.91 -8.45 7.44
C HIS A 115 24.26 -7.94 8.71
N LEU A 116 23.84 -6.68 8.73
CA LEU A 116 23.14 -6.18 9.91
C LEU A 116 21.78 -6.86 10.07
N ALA A 117 21.06 -7.05 8.96
CA ALA A 117 19.75 -7.71 9.02
C ALA A 117 19.90 -9.18 9.39
N GLU A 118 20.95 -9.84 8.91
CA GLU A 118 21.18 -11.22 9.27
C GLU A 118 21.49 -11.35 10.75
N ASN A 119 22.25 -10.40 11.30
CA ASN A 119 22.61 -10.51 12.70
C ASN A 119 21.41 -10.22 13.60
N VAL A 120 20.56 -9.27 13.22
CA VAL A 120 19.38 -9.02 14.07
C VAL A 120 18.40 -10.18 13.95
N PHE A 121 18.35 -10.85 12.79
CA PHE A 121 17.51 -12.01 12.65
C PHE A 121 18.00 -13.16 13.51
N ALA A 122 19.32 -13.35 13.56
CA ALA A 122 19.89 -14.42 14.37
C ALA A 122 19.68 -14.18 15.85
N ARG A 123 19.90 -12.94 16.30
CA ARG A 123 19.67 -12.61 17.70
C ARG A 123 18.19 -12.71 18.06
N LEU A 124 17.33 -12.38 17.10
CA LEU A 124 15.89 -12.46 17.32
C LEU A 124 15.44 -13.89 17.49
N HIS A 125 15.94 -14.79 16.65
CA HIS A 125 15.53 -16.19 16.79
C HIS A 125 16.19 -16.84 17.98
N LYS A 126 17.34 -16.33 18.42
CA LYS A 126 17.92 -16.89 19.63
C LYS A 126 17.26 -16.32 20.88
N LEU A 127 16.50 -15.23 20.75
CA LEU A 127 15.84 -14.61 21.88
C LEU A 127 14.72 -15.50 22.43
N SER A 128 14.30 -15.21 23.66
CA SER A 128 13.41 -16.08 24.41
C SER A 128 11.94 -15.78 24.14
N LEU A 129 11.09 -16.74 24.53
CA LEU A 129 9.70 -16.81 24.08
C LEU A 129 8.87 -15.65 24.57
N ARG A 130 9.14 -15.17 25.79
CA ARG A 130 8.37 -14.06 26.33
C ARG A 130 8.63 -12.75 25.59
N PHE A 131 9.71 -12.67 24.81
CA PHE A 131 9.83 -11.54 23.91
C PHE A 131 8.79 -11.59 22.80
N HIS A 132 8.50 -12.78 22.26
CA HIS A 132 7.57 -12.88 21.16
C HIS A 132 6.13 -12.80 21.64
N LEU A 133 5.92 -12.87 22.96
CA LEU A 133 4.58 -12.67 23.48
C LEU A 133 4.36 -11.25 23.94
N ALA A 134 5.42 -10.53 24.32
CA ALA A 134 5.27 -9.14 24.72
C ALA A 134 5.05 -8.23 23.52
N ARG A 135 5.63 -8.58 22.38
CA ARG A 135 5.47 -7.78 21.18
C ARG A 135 4.92 -8.67 20.07
N ARG A 136 4.59 -8.05 18.95
CA ARG A 136 4.01 -8.78 17.83
C ARG A 136 5.02 -8.94 16.70
N THR A 137 4.97 -10.12 16.08
CA THR A 137 5.93 -10.48 15.05
C THR A 137 5.79 -9.60 13.81
N GLY A 138 4.57 -9.11 13.55
CA GLY A 138 4.37 -8.14 12.49
C GLY A 138 5.07 -6.82 12.77
N GLU A 139 5.02 -6.37 14.03
CA GLU A 139 5.75 -5.17 14.43
C GLU A 139 7.26 -5.37 14.27
N VAL A 140 7.74 -6.57 14.61
CA VAL A 140 9.18 -6.83 14.51
C VAL A 140 9.62 -6.88 13.05
N THR A 141 8.83 -7.53 12.18
CA THR A 141 9.27 -7.62 10.79
C THR A 141 9.10 -6.30 10.07
N LYS A 142 8.12 -5.48 10.47
CA LYS A 142 8.00 -4.17 9.83
C LYS A 142 9.12 -3.25 10.30
N VAL A 143 9.58 -3.41 11.55
CA VAL A 143 10.66 -2.55 12.00
C VAL A 143 11.97 -2.96 11.37
N ILE A 144 12.13 -4.25 11.04
CA ILE A 144 13.41 -4.62 10.41
C ILE A 144 13.40 -4.30 8.91
N GLU A 145 12.25 -4.35 8.24
CA GLU A 145 12.26 -3.99 6.83
C GLU A 145 12.34 -2.47 6.67
N ARG A 146 11.71 -1.73 7.59
CA ARG A 146 11.88 -0.28 7.64
C ARG A 146 13.32 0.07 7.95
N GLY A 147 13.96 -0.72 8.83
CA GLY A 147 15.36 -0.50 9.15
C GLY A 147 16.28 -0.68 7.96
N THR A 148 16.11 -1.77 7.21
CA THR A 148 17.05 -2.01 6.11
C THR A 148 16.83 -1.01 4.98
N LYS A 149 15.57 -0.62 4.71
CA LYS A 149 15.32 0.39 3.67
C LYS A 149 15.88 1.75 4.07
N SER A 150 15.64 2.16 5.32
CA SER A 150 16.08 3.47 5.76
C SER A 150 17.59 3.53 5.90
N ILE A 151 18.21 2.43 6.31
CA ILE A 151 19.67 2.40 6.45
C ILE A 151 20.34 2.42 5.09
N ASP A 152 19.77 1.72 4.11
CA ASP A 152 20.32 1.78 2.76
C ASP A 152 20.24 3.18 2.18
N THR A 153 19.06 3.81 2.27
CA THR A 153 18.93 5.14 1.68
C THR A 153 19.69 6.19 2.48
N MET A 154 19.87 5.99 3.79
CA MET A 154 20.61 6.95 4.59
C MET A 154 22.10 6.86 4.30
N LEU A 155 22.62 5.64 4.19
CA LEU A 155 24.02 5.45 3.85
C LEU A 155 24.33 6.01 2.47
N TYR A 156 23.44 5.76 1.51
CA TYR A 156 23.63 6.27 0.16
C TYR A 156 23.62 7.79 0.12
N PHE A 157 22.63 8.41 0.79
CA PHE A 157 22.53 9.86 0.76
C PHE A 157 23.70 10.52 1.49
N LEU A 158 24.06 10.00 2.66
CA LEU A 158 25.09 10.64 3.47
C LEU A 158 26.45 10.50 2.84
N LEU A 159 26.71 9.38 2.16
CA LEU A 159 28.05 9.22 1.63
C LEU A 159 28.14 9.73 0.19
N PHE A 160 27.01 9.92 -0.50
CA PHE A 160 27.07 10.30 -1.89
C PHE A 160 26.42 11.63 -2.21
N ASN A 161 26.00 12.40 -1.22
CA ASN A 161 25.70 13.79 -1.55
C ASN A 161 26.46 14.75 -0.65
N ILE A 162 26.50 14.46 0.65
CA ILE A 162 26.99 15.43 1.62
C ILE A 162 28.50 15.61 1.49
N ALA A 163 29.24 14.51 1.47
CA ALA A 163 30.69 14.60 1.30
C ALA A 163 31.12 15.17 -0.06
N PRO A 164 30.55 14.74 -1.21
CA PRO A 164 30.99 15.39 -2.47
C PRO A 164 30.57 16.84 -2.57
N THR A 165 29.39 17.21 -2.07
CA THR A 165 29.00 18.61 -2.14
C THR A 165 29.82 19.48 -1.19
N VAL A 166 30.22 18.95 -0.03
CA VAL A 166 31.01 19.78 0.86
C VAL A 166 32.44 19.90 0.36
N ILE A 167 32.94 18.88 -0.34
CA ILE A 167 34.26 18.97 -0.95
C ILE A 167 34.24 19.97 -2.10
N GLU A 168 33.20 19.89 -2.94
CA GLU A 168 33.05 20.80 -4.06
C GLU A 168 32.87 22.24 -3.59
N LEU A 169 32.11 22.44 -2.51
CA LEU A 169 31.87 23.78 -2.00
C LEU A 169 33.13 24.38 -1.41
N THR A 170 33.88 23.61 -0.62
CA THR A 170 35.09 24.14 -0.02
C THR A 170 36.16 24.39 -1.09
N ALA A 171 36.21 23.55 -2.12
CA ALA A 171 37.18 23.76 -3.18
C ALA A 171 36.82 24.96 -4.03
N VAL A 172 35.53 25.21 -4.23
CA VAL A 172 35.10 26.42 -4.95
C VAL A 172 35.43 27.66 -4.14
N ILE A 173 35.24 27.58 -2.82
CA ILE A 173 35.56 28.72 -1.95
C ILE A 173 37.05 29.03 -1.98
N VAL A 174 37.90 28.00 -1.94
CA VAL A 174 39.33 28.27 -1.94
C VAL A 174 39.81 28.66 -3.33
N ILE A 175 39.10 28.20 -4.38
CA ILE A 175 39.54 28.54 -5.73
C ILE A 175 39.07 29.93 -6.10
N PHE A 176 38.12 30.47 -5.34
CA PHE A 176 37.81 31.89 -5.47
C PHE A 176 38.62 32.73 -4.51
N TRP A 177 39.14 32.14 -3.43
CA TRP A 177 40.09 32.85 -2.60
C TRP A 177 41.37 33.12 -3.37
N LEU A 178 41.85 32.12 -4.10
CA LEU A 178 42.84 32.38 -5.11
C LEU A 178 42.17 33.03 -6.32
N ASN A 179 42.97 33.77 -7.10
CA ASN A 179 42.61 34.39 -8.38
C ASN A 179 41.56 35.49 -8.29
N PHE A 180 41.02 35.76 -7.11
CA PHE A 180 40.00 36.77 -6.95
C PHE A 180 40.11 37.36 -5.55
N GLY A 181 39.39 38.45 -5.32
CA GLY A 181 39.38 39.11 -4.03
C GLY A 181 38.42 38.44 -3.06
N LEU A 182 38.40 38.95 -1.84
CA LEU A 182 37.57 38.42 -0.77
C LEU A 182 36.09 38.66 -1.02
N GLY A 183 35.76 39.66 -1.83
CA GLY A 183 34.37 40.02 -2.06
C GLY A 183 33.57 38.92 -2.75
N LEU A 184 34.21 38.25 -3.71
CA LEU A 184 33.55 37.11 -4.36
C LEU A 184 33.32 35.97 -3.39
N VAL A 185 34.27 35.77 -2.47
CA VAL A 185 34.17 34.68 -1.50
C VAL A 185 33.01 34.93 -0.54
N THR A 186 32.91 36.15 -0.02
CA THR A 186 31.84 36.42 0.93
C THR A 186 30.49 36.51 0.22
N ALA A 187 30.48 36.91 -1.05
CA ALA A 187 29.23 36.92 -1.81
C ALA A 187 28.73 35.52 -2.06
N THR A 188 29.62 34.61 -2.46
CA THR A 188 29.24 33.22 -2.69
C THR A 188 28.80 32.55 -1.41
N ILE A 189 29.48 32.82 -0.28
CA ILE A 189 29.12 32.13 0.94
C ILE A 189 27.82 32.70 1.50
N LEU A 190 27.53 33.98 1.23
CA LEU A 190 26.25 34.54 1.65
C LEU A 190 25.12 33.97 0.82
N ALA A 191 25.36 33.78 -0.48
CA ALA A 191 24.35 33.19 -1.34
C ALA A 191 24.08 31.75 -0.95
N VAL A 192 25.11 30.99 -0.60
CA VAL A 192 24.93 29.60 -0.19
C VAL A 192 24.14 29.52 1.10
N ILE A 193 24.46 30.40 2.07
CA ILE A 193 23.79 30.38 3.36
C ILE A 193 22.31 30.74 3.21
N ALA A 194 22.02 31.81 2.48
CA ALA A 194 20.64 32.24 2.33
C ALA A 194 19.84 31.25 1.47
N TYR A 195 20.52 30.60 0.51
CA TYR A 195 19.91 29.56 -0.31
C TYR A 195 19.43 28.40 0.54
N VAL A 196 20.34 27.82 1.34
CA VAL A 196 19.97 26.64 2.11
C VAL A 196 18.97 27.00 3.21
N TRP A 197 19.02 28.25 3.69
CA TRP A 197 18.09 28.70 4.72
C TRP A 197 16.66 28.78 4.18
N THR A 198 16.49 29.45 3.04
CA THR A 198 15.13 29.59 2.50
C THR A 198 14.62 28.25 1.98
N THR A 199 15.54 27.37 1.56
CA THR A 199 15.11 26.05 1.10
C THR A 199 14.57 25.22 2.25
N ARG A 200 15.26 25.24 3.39
CA ARG A 200 14.83 24.47 4.55
C ARG A 200 13.47 24.97 5.06
N THR A 201 13.31 26.29 5.15
CA THR A 201 12.04 26.85 5.64
C THR A 201 10.87 26.53 4.70
N ILE A 202 11.06 26.75 3.40
CA ILE A 202 9.93 26.60 2.50
C ILE A 202 9.65 25.12 2.24
N THR A 203 10.63 24.24 2.47
CA THR A 203 10.36 22.82 2.35
C THR A 203 9.57 22.31 3.55
N GLU A 204 9.84 22.85 4.74
CA GLU A 204 9.02 22.47 5.89
C GLU A 204 7.58 22.91 5.72
N TRP A 205 7.38 24.12 5.19
CA TRP A 205 6.03 24.60 4.87
C TRP A 205 5.34 23.72 3.83
N ARG A 206 6.12 23.28 2.82
CA ARG A 206 5.56 22.44 1.77
C ARG A 206 5.16 21.06 2.29
N THR A 207 5.96 20.50 3.20
CA THR A 207 5.61 19.21 3.79
C THR A 207 4.34 19.28 4.62
N HIS A 208 4.17 20.40 5.34
CA HIS A 208 2.93 20.64 6.08
C HIS A 208 1.72 20.65 5.14
N LEU A 209 1.83 21.38 4.03
CA LEU A 209 0.74 21.43 3.06
C LEU A 209 0.48 20.07 2.43
N ARG A 210 1.53 19.28 2.23
CA ARG A 210 1.37 17.98 1.59
C ARG A 210 0.66 17.00 2.51
N GLU A 211 0.94 17.07 3.81
CA GLU A 211 0.22 16.23 4.77
C GLU A 211 -1.26 16.56 4.80
N LYS A 212 -1.59 17.85 4.82
CA LYS A 212 -2.99 18.27 4.78
C LYS A 212 -3.69 17.79 3.51
N MET A 213 -2.99 17.90 2.38
CA MET A 213 -3.54 17.46 1.10
C MET A 213 -3.77 15.96 1.06
N ASN A 214 -2.88 15.19 1.69
CA ASN A 214 -3.01 13.74 1.69
C ASN A 214 -4.23 13.29 2.48
N ARG A 215 -4.43 13.85 3.69
CA ARG A 215 -5.57 13.40 4.47
C ARG A 215 -6.90 13.87 3.87
N LEU A 216 -6.89 15.04 3.22
CA LEU A 216 -8.10 15.50 2.54
C LEU A 216 -8.44 14.59 1.35
N ASP A 217 -7.41 14.12 0.64
CA ASP A 217 -7.60 13.18 -0.47
C ASP A 217 -8.22 11.88 0.01
N GLY A 218 -7.72 11.37 1.14
CA GLY A 218 -8.27 10.14 1.71
C GLY A 218 -9.73 10.27 2.10
N GLN A 219 -10.10 11.43 2.66
CA GLN A 219 -11.50 11.69 2.99
C GLN A 219 -12.39 11.70 1.75
N ALA A 220 -11.91 12.34 0.67
CA ALA A 220 -12.71 12.41 -0.56
C ALA A 220 -12.93 11.03 -1.17
N LEU A 221 -11.87 10.21 -1.19
CA LEU A 221 -11.99 8.87 -1.76
C LEU A 221 -12.92 7.99 -0.93
N ALA A 222 -12.85 8.12 0.39
CA ALA A 222 -13.71 7.32 1.27
C ALA A 222 -15.18 7.68 1.09
N ARG A 223 -15.47 8.99 0.97
CA ARG A 223 -16.84 9.43 0.69
C ARG A 223 -17.34 8.86 -0.62
N ALA A 224 -16.46 8.82 -1.63
CA ALA A 224 -16.86 8.30 -2.94
C ALA A 224 -17.22 6.81 -2.88
N VAL A 225 -16.36 6.01 -2.25
CA VAL A 225 -16.59 4.56 -2.27
C VAL A 225 -17.78 4.19 -1.39
N ASP A 226 -18.00 4.91 -0.29
CA ASP A 226 -19.15 4.62 0.56
C ASP A 226 -20.46 5.02 -0.12
N SER A 227 -20.45 6.15 -0.84
CA SER A 227 -21.63 6.57 -1.57
C SER A 227 -21.95 5.62 -2.71
N LEU A 228 -20.92 4.98 -3.27
CA LEU A 228 -21.20 3.98 -4.28
C LEU A 228 -21.73 2.69 -3.67
N LEU A 229 -21.20 2.30 -2.51
CA LEU A 229 -21.54 1.00 -1.94
C LEU A 229 -22.95 0.94 -1.37
N ASN A 230 -23.50 2.08 -0.93
CA ASN A 230 -24.85 2.09 -0.37
C ASN A 230 -25.88 2.49 -1.43
N TYR A 231 -25.66 1.98 -2.64
CA TYR A 231 -26.40 2.38 -3.83
C TYR A 231 -27.89 2.10 -3.70
N GLU A 232 -28.25 1.03 -3.00
CA GLU A 232 -29.66 0.66 -2.87
C GLU A 232 -30.43 1.70 -2.05
N THR A 233 -29.89 2.07 -0.89
CA THR A 233 -30.55 3.08 -0.07
C THR A 233 -30.51 4.45 -0.72
N VAL A 234 -29.43 4.72 -1.47
CA VAL A 234 -29.32 5.99 -2.17
C VAL A 234 -30.40 6.08 -3.24
N LYS A 235 -30.74 4.95 -3.85
CA LYS A 235 -31.86 4.92 -4.78
C LYS A 235 -33.17 4.97 -4.01
N TYR A 236 -33.17 4.45 -2.77
CA TYR A 236 -34.40 4.39 -1.98
C TYR A 236 -34.83 5.75 -1.51
N PHE A 237 -33.95 6.75 -1.54
CA PHE A 237 -34.37 8.05 -1.05
C PHE A 237 -34.09 9.20 -2.02
N GLY A 238 -33.68 8.89 -3.25
CA GLY A 238 -33.52 9.90 -4.28
C GLY A 238 -32.47 10.94 -3.98
N ALA A 239 -31.45 10.56 -3.21
CA ALA A 239 -30.43 11.49 -2.75
C ALA A 239 -29.22 11.54 -3.68
N GLU A 240 -29.44 11.33 -4.98
CA GLU A 240 -28.34 11.33 -5.94
C GLU A 240 -27.71 12.71 -6.04
N SER A 241 -28.54 13.75 -6.08
CA SER A 241 -28.04 15.12 -6.11
C SER A 241 -27.30 15.47 -4.84
N ARG A 242 -27.81 14.97 -3.70
CA ARG A 242 -27.17 15.17 -2.41
C ARG A 242 -25.77 14.56 -2.39
N GLU A 243 -25.66 13.32 -2.88
CA GLU A 243 -24.37 12.64 -2.85
C GLU A 243 -23.42 13.22 -3.88
N GLU A 244 -23.94 13.68 -5.01
CA GLU A 244 -23.09 14.33 -6.01
C GLU A 244 -22.52 15.64 -5.48
N ALA A 245 -23.35 16.42 -4.78
CA ALA A 245 -22.86 17.66 -4.17
C ALA A 245 -21.84 17.38 -3.08
N ARG A 246 -22.05 16.29 -2.33
CA ARG A 246 -21.09 15.92 -1.29
C ARG A 246 -19.74 15.53 -1.89
N TYR A 247 -19.76 14.70 -2.94
CA TYR A 247 -18.53 14.29 -3.59
C TYR A 247 -17.84 15.47 -4.27
N ALA A 248 -18.63 16.39 -4.82
CA ALA A 248 -18.06 17.57 -5.45
C ALA A 248 -17.39 18.47 -4.43
N SER A 249 -17.99 18.60 -3.24
CA SER A 249 -17.39 19.42 -2.20
C SER A 249 -16.07 18.85 -1.72
N ALA A 250 -16.02 17.52 -1.56
CA ALA A 250 -14.78 16.88 -1.12
C ALA A 250 -13.70 17.01 -2.19
N ALA A 251 -14.06 16.80 -3.45
CA ALA A 251 -13.07 16.90 -4.52
C ALA A 251 -12.58 18.33 -4.71
N ARG A 252 -13.46 19.31 -4.48
CA ARG A 252 -13.08 20.71 -4.59
C ARG A 252 -12.08 21.10 -3.52
N ALA A 253 -12.32 20.67 -2.27
CA ALA A 253 -11.37 20.97 -1.21
C ALA A 253 -10.03 20.30 -1.45
N TYR A 254 -10.05 19.07 -1.98
CA TYR A 254 -8.80 18.38 -2.30
C TYR A 254 -8.05 19.08 -3.43
N ALA A 255 -8.79 19.60 -4.41
CA ALA A 255 -8.16 20.33 -5.51
C ALA A 255 -7.50 21.60 -5.02
N ASP A 256 -8.14 22.30 -4.07
CA ASP A 256 -7.54 23.52 -3.55
C ASP A 256 -6.28 23.22 -2.74
N ALA A 257 -6.28 22.09 -2.02
CA ALA A 257 -5.07 21.69 -1.30
C ALA A 257 -3.93 21.35 -2.26
N ALA A 258 -4.25 20.69 -3.38
CA ALA A 258 -3.22 20.37 -4.36
C ALA A 258 -2.67 21.62 -5.03
N VAL A 259 -3.53 22.61 -5.28
CA VAL A 259 -3.09 23.88 -5.85
C VAL A 259 -2.15 24.60 -4.89
N LYS A 260 -2.44 24.56 -3.59
CA LYS A 260 -1.55 25.21 -2.64
C LYS A 260 -0.21 24.48 -2.52
N SER A 261 -0.22 23.16 -2.69
CA SER A 261 1.04 22.41 -2.70
C SER A 261 1.92 22.80 -3.89
N GLU A 262 1.30 22.89 -5.07
CA GLU A 262 2.07 23.30 -6.24
C GLU A 262 2.52 24.75 -6.15
N ASN A 263 1.76 25.58 -5.43
CA ASN A 263 2.20 26.94 -5.16
C ASN A 263 3.44 26.97 -4.28
N SER A 264 3.51 26.07 -3.30
CA SER A 264 4.70 25.98 -2.47
C SER A 264 5.92 25.56 -3.28
N LEU A 265 5.76 24.58 -4.17
CA LEU A 265 6.88 24.15 -5.00
C LEU A 265 7.33 25.24 -5.96
N GLY A 266 6.35 25.99 -6.51
CA GLY A 266 6.68 27.10 -7.36
C GLY A 266 7.46 28.19 -6.65
N LEU A 267 7.07 28.49 -5.41
CA LEU A 267 7.80 29.51 -4.66
C LEU A 267 9.21 29.04 -4.30
N LEU A 268 9.38 27.74 -4.07
CA LEU A 268 10.72 27.19 -3.85
C LEU A 268 11.62 27.42 -5.05
N ASN A 269 11.15 27.06 -6.25
CA ASN A 269 11.97 27.23 -7.44
C ASN A 269 12.22 28.70 -7.75
N ILE A 270 11.25 29.56 -7.45
CA ILE A 270 11.41 30.99 -7.69
C ILE A 270 12.50 31.56 -6.80
N ALA A 271 12.48 31.21 -5.52
CA ALA A 271 13.49 31.73 -4.58
C ALA A 271 14.89 31.25 -4.94
N GLN A 272 15.00 29.96 -5.32
CA GLN A 272 16.31 29.41 -5.64
C GLN A 272 16.90 30.06 -6.89
N ALA A 273 16.08 30.18 -7.95
CA ALA A 273 16.57 30.80 -9.17
C ALA A 273 16.88 32.27 -8.98
N LEU A 274 16.10 32.95 -8.14
CA LEU A 274 16.35 34.37 -7.86
C LEU A 274 17.70 34.57 -7.21
N ILE A 275 18.01 33.78 -6.19
CA ILE A 275 19.24 34.04 -5.45
C ILE A 275 20.46 33.62 -6.28
N VAL A 276 20.34 32.56 -7.09
CA VAL A 276 21.50 32.13 -7.85
C VAL A 276 21.75 33.10 -9.02
N ASN A 277 20.69 33.68 -9.57
CA ASN A 277 20.92 34.60 -10.67
C ASN A 277 21.41 35.96 -10.18
N LEU A 278 21.03 36.35 -8.97
CA LEU A 278 21.60 37.55 -8.38
C LEU A 278 23.09 37.38 -8.13
N LEU A 279 23.49 36.20 -7.64
CA LEU A 279 24.91 35.95 -7.43
C LEU A 279 25.67 35.94 -8.75
N MET A 280 25.07 35.36 -9.79
CA MET A 280 25.75 35.30 -11.09
C MET A 280 25.89 36.68 -11.71
N ALA A 281 24.87 37.53 -11.55
CA ALA A 281 24.96 38.89 -12.06
C ALA A 281 26.04 39.68 -11.34
N GLY A 282 26.11 39.54 -10.02
CA GLY A 282 27.13 40.25 -9.26
C GLY A 282 28.54 39.82 -9.62
N ALA A 283 28.75 38.49 -9.73
CA ALA A 283 30.08 37.98 -10.04
C ALA A 283 30.51 38.37 -11.45
N MET A 284 29.60 38.31 -12.41
CA MET A 284 29.97 38.65 -13.77
C MET A 284 30.21 40.14 -13.94
N ALA A 285 29.44 40.98 -13.24
CA ALA A 285 29.70 42.42 -13.28
C ALA A 285 31.04 42.74 -12.67
N TRP A 286 31.39 42.07 -11.58
CA TRP A 286 32.68 42.32 -10.94
C TRP A 286 33.82 41.90 -11.85
N THR A 287 33.69 40.75 -12.52
CA THR A 287 34.83 40.32 -13.33
C THR A 287 34.93 41.09 -14.63
N VAL A 288 33.82 41.64 -15.14
CA VAL A 288 33.95 42.44 -16.34
C VAL A 288 34.51 43.82 -16.00
N TYR A 289 34.25 44.30 -14.78
CA TYR A 289 34.92 45.52 -14.35
C TYR A 289 36.41 45.29 -14.15
N GLY A 290 36.77 44.13 -13.59
CA GLY A 290 38.17 43.80 -13.41
C GLY A 290 38.89 43.60 -14.73
N TRP A 291 38.15 43.18 -15.76
CA TRP A 291 38.72 43.20 -17.09
C TRP A 291 38.92 44.63 -17.57
N SER A 292 37.96 45.50 -17.28
CA SER A 292 38.00 46.86 -17.79
C SER A 292 39.18 47.64 -17.22
N GLN A 293 39.53 47.39 -15.97
CA GLN A 293 40.76 47.98 -15.47
C GLN A 293 41.97 47.07 -15.64
N GLY A 294 41.90 46.13 -16.60
CA GLY A 294 43.09 45.46 -17.10
C GLY A 294 43.69 44.40 -16.20
N LYS A 295 43.09 44.08 -15.07
CA LYS A 295 43.67 43.06 -14.21
C LYS A 295 43.34 41.66 -14.71
N LEU A 296 42.14 41.47 -15.23
CA LEU A 296 41.58 40.15 -15.48
C LEU A 296 41.36 39.94 -16.97
N THR A 297 41.63 38.73 -17.43
CA THR A 297 41.45 38.45 -18.85
C THR A 297 40.01 38.08 -19.13
N VAL A 298 39.73 37.75 -20.40
CA VAL A 298 38.36 37.45 -20.77
C VAL A 298 37.95 36.06 -20.33
N GLY A 299 38.91 35.19 -19.99
CA GLY A 299 38.56 33.84 -19.61
C GLY A 299 37.95 33.77 -18.23
N ASP A 300 38.15 34.80 -17.41
CA ASP A 300 37.64 34.78 -16.05
C ASP A 300 36.14 34.90 -16.03
N LEU A 301 35.57 35.55 -17.05
CA LEU A 301 34.13 35.61 -17.20
C LEU A 301 33.53 34.23 -17.37
N VAL A 302 34.05 33.47 -18.35
CA VAL A 302 33.47 32.16 -18.63
C VAL A 302 33.85 31.17 -17.53
N PHE A 303 34.95 31.45 -16.83
CA PHE A 303 35.37 30.70 -15.65
C PHE A 303 34.30 30.75 -14.57
N VAL A 304 33.96 31.95 -14.09
CA VAL A 304 32.97 32.06 -13.02
C VAL A 304 31.58 31.70 -13.54
N ASN A 305 31.37 31.83 -14.86
CA ASN A 305 30.09 31.50 -15.47
C ASN A 305 29.79 30.01 -15.37
N THR A 306 30.76 29.16 -15.73
CA THR A 306 30.47 27.74 -15.62
C THR A 306 30.57 27.27 -14.17
N TYR A 307 31.36 27.98 -13.34
CA TYR A 307 31.47 27.60 -11.93
C TYR A 307 30.16 27.71 -11.20
N LEU A 308 29.43 28.81 -11.41
CA LEU A 308 28.22 29.00 -10.60
C LEU A 308 27.10 28.06 -11.02
N THR A 309 26.95 27.85 -12.34
CA THR A 309 25.89 26.98 -12.83
C THR A 309 26.19 25.52 -12.54
N GLN A 310 27.46 25.15 -12.35
CA GLN A 310 27.72 23.79 -11.93
C GLN A 310 27.72 23.67 -10.41
N LEU A 311 27.86 24.78 -9.71
CA LEU A 311 27.91 24.71 -8.26
C LEU A 311 26.54 24.58 -7.65
N PHE A 312 25.61 25.44 -8.04
CA PHE A 312 24.40 25.57 -7.24
C PHE A 312 23.34 24.50 -7.49
N ARG A 313 23.63 23.48 -8.28
CA ARG A 313 22.60 22.48 -8.50
C ARG A 313 22.42 21.47 -7.35
N PRO A 314 23.46 20.77 -6.85
CA PRO A 314 23.17 19.70 -5.89
C PRO A 314 22.96 20.18 -4.47
N LEU A 315 22.80 21.46 -4.22
CA LEU A 315 22.68 21.94 -2.85
C LEU A 315 21.27 21.85 -2.30
N ASP A 316 20.30 21.40 -3.09
CA ASP A 316 18.90 21.47 -2.69
C ASP A 316 18.50 20.42 -1.67
N MET A 317 19.32 19.38 -1.47
CA MET A 317 18.85 18.19 -0.78
C MET A 317 18.94 18.28 0.73
N LEU A 318 19.42 19.39 1.29
CA LEU A 318 19.91 19.42 2.68
C LEU A 318 18.80 19.22 3.70
N GLY A 319 17.62 19.80 3.45
CA GLY A 319 16.51 19.67 4.38
C GLY A 319 15.99 18.26 4.48
N MET A 320 15.83 17.58 3.34
CA MET A 320 15.44 16.18 3.38
C MET A 320 16.58 15.28 3.84
N VAL A 321 17.82 15.73 3.70
CA VAL A 321 18.96 14.94 4.16
C VAL A 321 18.97 14.87 5.69
N TYR A 322 18.66 15.99 6.35
CA TYR A 322 18.58 15.98 7.82
C TYR A 322 17.48 15.05 8.32
N ARG A 323 16.34 15.06 7.64
CA ARG A 323 15.23 14.19 8.03
C ARG A 323 15.58 12.73 7.80
N THR A 324 16.19 12.41 6.67
CA THR A 324 16.51 11.01 6.37
C THR A 324 17.62 10.49 7.27
N ILE A 325 18.56 11.36 7.67
CA ILE A 325 19.64 10.87 8.53
C ILE A 325 19.12 10.70 9.95
N ARG A 326 18.12 11.51 10.35
CA ARG A 326 17.49 11.29 11.65
C ARG A 326 16.71 9.98 11.67
N GLN A 327 16.00 9.68 10.56
CA GLN A 327 15.24 8.44 10.51
C GLN A 327 16.15 7.22 10.45
N GLY A 328 17.26 7.33 9.71
CA GLY A 328 18.23 6.25 9.69
C GLY A 328 18.88 6.03 11.04
N LEU A 329 19.14 7.12 11.78
CA LEU A 329 19.67 7.00 13.12
C LEU A 329 18.70 6.28 14.04
N ILE A 330 17.41 6.60 13.92
CA ILE A 330 16.38 5.94 14.73
C ILE A 330 16.32 4.45 14.41
N ASP A 331 16.34 4.10 13.12
CA ASP A 331 16.21 2.69 12.73
C ASP A 331 17.44 1.89 13.12
N MET A 332 18.63 2.48 12.98
CA MET A 332 19.83 1.75 13.36
C MET A 332 19.92 1.59 14.87
N ALA A 333 19.46 2.60 15.62
CA ALA A 333 19.38 2.45 17.07
C ALA A 333 18.41 1.34 17.46
N GLU A 334 17.33 1.19 16.69
CA GLU A 334 16.37 0.13 16.97
C GLU A 334 16.95 -1.25 16.70
N MET A 335 17.65 -1.40 15.57
CA MET A 335 18.29 -2.68 15.26
C MET A 335 19.38 -3.02 16.26
N PHE A 336 20.11 -2.00 16.72
CA PHE A 336 21.16 -2.26 17.70
C PHE A 336 20.57 -2.59 19.06
N ARG A 337 19.41 -2.02 19.40
CA ARG A 337 18.75 -2.39 20.64
C ARG A 337 18.24 -3.82 20.58
N LEU A 338 17.74 -4.24 19.42
CA LEU A 338 17.34 -5.64 19.27
C LEU A 338 18.54 -6.57 19.31
N ILE A 339 19.70 -6.09 18.89
CA ILE A 339 20.92 -6.87 19.09
C ILE A 339 21.24 -6.99 20.57
N ASP A 340 21.30 -5.86 21.28
CA ASP A 340 21.83 -5.91 22.65
C ASP A 340 20.81 -6.43 23.65
N THR A 341 19.58 -6.69 23.23
CA THR A 341 18.64 -7.37 24.11
C THR A 341 19.11 -8.79 24.37
N HIS A 342 19.46 -9.07 25.62
CA HIS A 342 19.98 -10.37 26.00
C HIS A 342 18.84 -11.36 26.17
N ILE A 343 19.19 -12.63 26.21
CA ILE A 343 18.22 -13.70 26.33
C ILE A 343 17.97 -13.95 27.80
N GLU A 344 16.72 -14.26 28.16
CA GLU A 344 16.41 -14.58 29.55
C GLU A 344 16.97 -15.94 29.94
N VAL A 345 16.64 -16.97 29.17
CA VAL A 345 17.10 -18.32 29.41
C VAL A 345 18.37 -18.53 28.60
N ALA A 346 19.39 -19.10 29.22
CA ALA A 346 20.62 -19.41 28.50
C ALA A 346 21.20 -20.70 29.04
N ASP A 347 22.04 -21.33 28.22
CA ASP A 347 22.78 -22.51 28.67
C ASP A 347 23.83 -22.11 29.68
N VAL A 348 24.20 -23.04 30.54
CA VAL A 348 25.23 -22.79 31.54
C VAL A 348 26.57 -22.78 30.82
N PRO A 349 27.55 -22.00 31.30
CA PRO A 349 28.90 -22.10 30.75
C PRO A 349 29.50 -23.47 31.01
N ASN A 350 30.14 -24.01 29.95
CA ASN A 350 30.51 -25.42 29.86
C ASN A 350 29.30 -26.31 30.13
N ALA A 351 28.31 -26.21 29.26
CA ALA A 351 27.15 -27.07 29.38
C ALA A 351 27.48 -28.45 28.84
N PRO A 352 27.39 -29.50 29.64
CA PRO A 352 27.59 -30.84 29.11
C PRO A 352 26.38 -31.28 28.30
N ALA A 353 26.63 -32.22 27.39
CA ALA A 353 25.56 -32.73 26.56
C ALA A 353 24.66 -33.65 27.37
N LEU A 354 23.36 -33.50 27.17
CA LEU A 354 22.40 -34.43 27.74
C LEU A 354 22.56 -35.79 27.06
N VAL A 355 22.84 -36.81 27.86
CA VAL A 355 23.02 -38.17 27.35
C VAL A 355 21.87 -39.01 27.88
N VAL A 356 21.24 -39.77 26.99
CA VAL A 356 20.10 -40.59 27.33
C VAL A 356 20.46 -42.05 27.08
N ASN A 357 20.30 -42.87 28.12
CA ASN A 357 20.30 -44.32 27.97
C ASN A 357 18.97 -44.93 28.42
N ARG A 358 18.30 -44.27 29.35
CA ARG A 358 16.99 -44.70 29.84
C ARG A 358 16.12 -43.46 29.91
N PRO A 359 15.27 -43.19 28.92
CA PRO A 359 14.54 -41.90 28.84
C PRO A 359 13.51 -41.73 29.96
N SER A 360 14.02 -41.45 31.16
CA SER A 360 13.19 -41.27 32.33
C SER A 360 13.02 -39.80 32.64
N VAL A 361 11.81 -39.44 33.06
CA VAL A 361 11.49 -38.08 33.44
C VAL A 361 11.27 -38.06 34.94
N THR A 362 11.69 -36.99 35.61
CA THR A 362 11.22 -36.73 36.95
C THR A 362 11.03 -35.24 37.17
N PHE A 363 9.85 -34.89 37.67
CA PHE A 363 9.53 -33.55 38.12
C PHE A 363 9.83 -33.54 39.61
N ASP A 364 10.38 -32.43 40.12
CA ASP A 364 10.86 -32.40 41.48
C ASP A 364 10.54 -31.03 42.09
N ASN A 365 9.38 -30.93 42.77
CA ASN A 365 8.97 -29.77 43.56
C ASN A 365 8.91 -28.52 42.68
N VAL A 366 8.48 -28.72 41.45
CA VAL A 366 8.66 -27.72 40.41
C VAL A 366 7.66 -26.59 40.62
N VAL A 367 8.17 -25.36 40.63
CA VAL A 367 7.39 -24.15 40.85
C VAL A 367 7.44 -23.32 39.59
N PHE A 368 6.27 -22.93 39.09
CA PHE A 368 6.24 -22.13 37.88
C PHE A 368 4.97 -21.30 37.85
N GLY A 369 5.11 -20.09 37.34
CA GLY A 369 4.02 -19.37 36.70
C GLY A 369 4.60 -18.57 35.57
N TYR A 370 3.73 -18.18 34.63
CA TYR A 370 4.17 -17.37 33.51
C TYR A 370 4.64 -16.00 33.99
N ASP A 371 3.94 -15.42 34.96
CA ASP A 371 4.31 -14.16 35.56
C ASP A 371 4.37 -14.33 37.07
N ARG A 372 5.20 -13.50 37.71
CA ARG A 372 5.53 -13.71 39.12
C ARG A 372 4.39 -13.40 40.08
N ASP A 373 3.35 -12.71 39.62
CA ASP A 373 2.24 -12.37 40.50
C ASP A 373 1.14 -13.42 40.51
N ARG A 374 1.25 -14.49 39.72
CA ARG A 374 0.28 -15.58 39.76
C ARG A 374 1.01 -16.90 39.57
N GLU A 375 1.18 -17.64 40.66
CA GLU A 375 1.82 -18.94 40.61
C GLU A 375 0.82 -20.00 40.17
N ILE A 376 1.16 -20.73 39.12
CA ILE A 376 0.28 -21.72 38.52
C ILE A 376 0.74 -23.13 38.87
N LEU A 377 2.05 -23.36 38.90
CA LEU A 377 2.61 -24.65 39.25
C LEU A 377 3.17 -24.62 40.66
N HIS A 378 2.71 -25.52 41.51
CA HIS A 378 2.99 -25.44 42.93
C HIS A 378 3.80 -26.62 43.46
N GLY A 379 3.29 -27.84 43.33
CA GLY A 379 3.88 -28.94 44.06
C GLY A 379 4.04 -30.25 43.30
N LEU A 380 4.30 -30.17 42.01
CA LEU A 380 4.45 -31.36 41.19
C LEU A 380 5.81 -32.02 41.40
N SER A 381 5.78 -33.32 41.66
CA SER A 381 6.96 -34.14 41.86
C SER A 381 6.59 -35.57 41.49
N PHE A 382 7.08 -36.04 40.36
CA PHE A 382 6.76 -37.41 39.97
C PHE A 382 7.90 -37.99 39.15
N GLU A 383 7.71 -39.26 38.79
CA GLU A 383 8.66 -39.99 37.95
C GLU A 383 7.86 -40.64 36.83
N VAL A 384 8.30 -40.42 35.60
CA VAL A 384 7.77 -41.09 34.42
C VAL A 384 8.83 -42.08 33.95
N ALA A 385 8.49 -43.36 34.04
CA ALA A 385 9.40 -44.43 33.66
C ALA A 385 9.52 -44.50 32.15
N ALA A 386 10.68 -45.00 31.69
CA ALA A 386 10.97 -45.02 30.27
C ALA A 386 10.25 -46.18 29.60
N GLY A 387 9.63 -45.88 28.45
CA GLY A 387 8.86 -46.86 27.72
C GLY A 387 7.40 -46.94 28.07
N SER A 388 6.97 -46.24 29.12
CA SER A 388 5.59 -46.33 29.56
C SER A 388 4.71 -45.34 28.81
N ARG A 389 3.41 -45.41 29.09
CA ARG A 389 2.43 -44.50 28.53
C ARG A 389 1.77 -43.73 29.67
N VAL A 390 2.17 -42.49 29.88
CA VAL A 390 1.67 -41.75 31.03
C VAL A 390 0.74 -40.65 30.56
N ALA A 391 -0.12 -40.21 31.46
CA ALA A 391 -1.24 -39.34 31.13
C ALA A 391 -1.40 -38.23 32.15
N ILE A 392 -1.67 -37.03 31.64
CA ILE A 392 -1.93 -35.84 32.44
C ILE A 392 -3.31 -35.34 32.05
N VAL A 393 -4.14 -35.06 33.05
CA VAL A 393 -5.46 -34.48 32.80
C VAL A 393 -5.83 -33.62 34.00
N GLY A 394 -6.79 -32.73 33.78
CA GLY A 394 -7.31 -31.90 34.83
C GLY A 394 -8.39 -30.98 34.31
N PRO A 395 -8.86 -30.07 35.16
CA PRO A 395 -9.84 -29.07 34.70
C PRO A 395 -9.21 -27.98 33.86
N SER A 396 -10.02 -27.01 33.45
CA SER A 396 -9.49 -25.89 32.67
C SER A 396 -8.65 -24.96 33.55
N GLY A 397 -8.91 -24.93 34.84
CA GLY A 397 -8.25 -24.03 35.74
C GLY A 397 -7.05 -24.59 36.49
N ALA A 398 -6.75 -25.88 36.33
CA ALA A 398 -5.53 -26.40 36.93
C ALA A 398 -4.31 -26.00 36.14
N GLY A 399 -4.49 -25.65 34.87
CA GLY A 399 -3.38 -25.22 34.03
C GLY A 399 -2.52 -26.34 33.51
N LYS A 400 -3.08 -27.25 32.73
CA LYS A 400 -2.30 -28.41 32.30
C LYS A 400 -1.44 -28.10 31.09
N SER A 401 -1.68 -26.99 30.41
CA SER A 401 -1.01 -26.72 29.15
C SER A 401 0.46 -26.34 29.31
N THR A 402 0.90 -25.99 30.51
CA THR A 402 2.24 -25.42 30.66
C THR A 402 3.32 -26.49 30.68
N ILE A 403 2.94 -27.77 30.78
CA ILE A 403 3.90 -28.83 31.08
C ILE A 403 4.86 -29.06 29.92
N ALA A 404 4.33 -28.99 28.69
CA ALA A 404 5.18 -29.14 27.52
C ALA A 404 6.14 -27.98 27.37
N ARG A 405 5.67 -26.76 27.65
CA ARG A 405 6.51 -25.59 27.52
C ARG A 405 7.60 -25.56 28.58
N LEU A 406 7.33 -26.11 29.76
CA LEU A 406 8.40 -26.15 30.76
C LEU A 406 9.30 -27.34 30.54
N LEU A 407 8.82 -28.37 29.84
CA LEU A 407 9.68 -29.49 29.53
C LEU A 407 10.63 -29.16 28.40
N PHE A 408 10.22 -28.32 27.47
CA PHE A 408 11.10 -27.90 26.39
C PHE A 408 12.08 -26.81 26.79
N ARG A 409 12.10 -26.45 28.08
CA ARG A 409 12.93 -25.37 28.64
C ARG A 409 12.69 -24.05 27.90
N PHE A 410 11.42 -23.78 27.61
CA PHE A 410 11.07 -22.46 27.13
C PHE A 410 11.17 -21.46 28.25
N TYR A 411 10.71 -21.84 29.43
CA TYR A 411 10.87 -21.07 30.65
C TYR A 411 11.56 -21.95 31.67
N ASP A 412 12.37 -21.36 32.50
CA ASP A 412 12.90 -22.14 33.60
C ASP A 412 11.92 -22.10 34.77
N PRO A 413 11.88 -23.16 35.58
CA PRO A 413 11.00 -23.14 36.76
C PRO A 413 11.50 -22.16 37.81
N TRP A 414 10.57 -21.66 38.62
CA TRP A 414 10.95 -20.76 39.70
C TRP A 414 11.76 -21.50 40.76
N GLU A 415 11.26 -22.64 41.20
CA GLU A 415 11.97 -23.49 42.13
C GLU A 415 11.61 -24.93 41.81
N GLY A 416 12.46 -25.84 42.23
CA GLY A 416 12.34 -27.22 41.81
C GLY A 416 13.13 -27.46 40.55
N ARG A 417 13.10 -28.71 40.11
CA ARG A 417 13.91 -29.07 38.96
C ARG A 417 13.27 -30.23 38.22
N ILE A 418 13.48 -30.22 36.91
CA ILE A 418 13.06 -31.30 36.03
C ILE A 418 14.32 -32.03 35.57
N LEU A 419 14.42 -33.31 35.88
CA LEU A 419 15.55 -34.09 35.43
C LEU A 419 15.08 -35.06 34.36
N ILE A 420 15.84 -35.12 33.27
CA ILE A 420 15.72 -36.18 32.29
C ILE A 420 16.89 -37.11 32.50
N ASP A 421 16.58 -38.40 32.72
CA ASP A 421 17.58 -39.46 32.95
C ASP A 421 18.44 -39.14 34.16
N GLY A 422 17.84 -38.53 35.17
CA GLY A 422 18.55 -38.09 36.35
C GLY A 422 19.47 -36.91 36.15
N GLN A 423 19.35 -36.19 35.04
CA GLN A 423 20.21 -35.07 34.71
C GLN A 423 19.37 -33.81 34.59
N ASP A 424 19.91 -32.69 35.08
CA ASP A 424 19.15 -31.44 35.06
C ASP A 424 19.11 -30.86 33.67
N ILE A 425 17.91 -30.74 33.12
CA ILE A 425 17.72 -30.14 31.81
C ILE A 425 17.97 -28.64 31.84
N ALA A 426 17.99 -28.04 33.03
CA ALA A 426 18.46 -26.67 33.15
C ALA A 426 19.97 -26.57 33.07
N HIS A 427 20.67 -27.70 33.08
CA HIS A 427 22.12 -27.73 33.10
C HIS A 427 22.74 -28.45 31.92
N VAL A 428 21.98 -28.73 30.87
CA VAL A 428 22.52 -29.39 29.68
C VAL A 428 22.41 -28.44 28.49
N THR A 429 22.92 -28.91 27.35
CA THR A 429 22.86 -28.13 26.14
C THR A 429 21.44 -28.11 25.57
N GLN A 430 21.01 -26.90 25.18
CA GLN A 430 19.66 -26.67 24.72
C GLN A 430 19.34 -27.47 23.47
N THR A 431 20.32 -27.58 22.56
CA THR A 431 20.06 -28.29 21.32
C THR A 431 19.95 -29.79 21.54
N SER A 432 20.69 -30.35 22.49
CA SER A 432 20.56 -31.78 22.77
C SER A 432 19.25 -32.07 23.48
N LEU A 433 18.84 -31.17 24.38
CA LEU A 433 17.57 -31.34 25.07
C LEU A 433 16.40 -31.27 24.11
N ARG A 434 16.41 -30.28 23.21
CA ARG A 434 15.37 -30.20 22.21
C ARG A 434 15.53 -31.24 21.12
N ALA A 435 16.69 -31.90 21.04
CA ALA A 435 16.84 -33.00 20.11
C ALA A 435 16.21 -34.26 20.65
N ALA A 436 16.34 -34.53 21.94
CA ALA A 436 15.83 -35.78 22.50
C ALA A 436 14.32 -35.79 22.71
N LEU A 437 13.63 -34.70 22.39
CA LEU A 437 12.21 -34.57 22.70
C LEU A 437 11.39 -34.52 21.41
N GLY A 438 10.09 -34.72 21.54
CA GLY A 438 9.16 -34.58 20.43
C GLY A 438 7.82 -34.08 20.94
N ILE A 439 7.11 -33.34 20.10
CA ILE A 439 5.88 -32.69 20.53
C ILE A 439 4.88 -32.65 19.38
N VAL A 440 3.65 -33.00 19.69
CA VAL A 440 2.53 -32.66 18.82
C VAL A 440 1.82 -31.48 19.47
N PRO A 441 1.80 -30.33 18.82
CA PRO A 441 1.13 -29.16 19.39
C PRO A 441 -0.39 -29.27 19.27
N GLN A 442 -1.07 -28.47 20.09
CA GLN A 442 -2.52 -28.40 20.03
C GLN A 442 -2.97 -27.75 18.73
N ASP A 443 -2.38 -26.63 18.38
CA ASP A 443 -2.59 -26.02 17.08
C ASP A 443 -1.41 -26.40 16.20
N SER A 444 -1.69 -27.09 15.11
CA SER A 444 -0.69 -27.42 14.12
C SER A 444 -0.54 -26.25 13.16
N VAL A 445 0.70 -25.99 12.74
CA VAL A 445 1.00 -24.90 11.82
C VAL A 445 1.83 -25.46 10.68
N LEU A 446 1.70 -24.85 9.50
CA LEU A 446 2.41 -25.26 8.31
C LEU A 446 3.15 -24.08 7.71
N PHE A 447 4.33 -24.33 7.18
CA PHE A 447 5.04 -23.30 6.46
C PHE A 447 4.45 -23.14 5.07
N ASN A 448 4.49 -21.91 4.56
CA ASN A 448 3.99 -21.64 3.21
C ASN A 448 5.02 -22.18 2.22
N ASP A 449 4.92 -23.48 1.98
CA ASP A 449 5.92 -24.20 1.19
C ASP A 449 5.23 -25.47 0.73
N THR A 450 6.02 -26.43 0.25
CA THR A 450 5.42 -27.70 -0.10
C THR A 450 5.26 -28.59 1.13
N ILE A 451 4.44 -29.63 0.96
CA ILE A 451 4.17 -30.54 2.07
C ILE A 451 5.37 -31.43 2.35
N GLY A 452 6.16 -31.75 1.31
CA GLY A 452 7.31 -32.61 1.50
C GLY A 452 8.40 -31.95 2.32
N TYR A 453 8.55 -30.63 2.16
CA TYR A 453 9.48 -29.88 3.00
C TYR A 453 8.98 -29.81 4.43
N ASN A 454 7.66 -29.74 4.61
CA ASN A 454 7.08 -29.76 5.96
C ASN A 454 7.32 -31.10 6.64
N ILE A 455 7.23 -32.19 5.88
CA ILE A 455 7.53 -33.51 6.46
C ILE A 455 9.02 -33.62 6.76
N ALA A 456 9.86 -33.14 5.86
CA ALA A 456 11.30 -33.20 6.08
C ALA A 456 11.79 -32.12 7.03
N TYR A 457 10.89 -31.32 7.59
CA TYR A 457 11.31 -30.24 8.47
C TYR A 457 11.90 -30.74 9.78
N GLY A 458 11.55 -31.95 10.20
CA GLY A 458 11.90 -32.40 11.53
C GLY A 458 13.39 -32.63 11.72
N ARG A 459 14.09 -32.98 10.65
CA ARG A 459 15.52 -33.18 10.71
C ARG A 459 16.15 -32.32 9.64
N ASP A 460 17.37 -31.85 9.91
CA ASP A 460 18.01 -30.89 9.01
C ASP A 460 18.42 -31.56 7.70
N GLY A 461 19.01 -32.75 7.79
CA GLY A 461 19.38 -33.49 6.61
C GLY A 461 18.40 -34.60 6.31
N ALA A 462 17.11 -34.31 6.42
CA ALA A 462 16.07 -35.33 6.36
C ALA A 462 15.96 -35.96 4.98
N SER A 463 16.20 -37.27 4.92
CA SER A 463 16.21 -38.01 3.68
C SER A 463 14.80 -38.37 3.24
N ARG A 464 14.68 -38.62 1.93
CA ARG A 464 13.38 -38.93 1.34
C ARG A 464 12.87 -40.30 1.79
N ALA A 465 13.80 -41.22 2.09
CA ALA A 465 13.42 -42.51 2.66
C ALA A 465 12.81 -42.33 4.04
N GLU A 466 13.36 -41.40 4.83
CA GLU A 466 12.75 -41.07 6.10
C GLU A 466 11.43 -40.34 5.90
N VAL A 467 11.31 -39.60 4.79
CA VAL A 467 10.08 -38.85 4.52
C VAL A 467 8.92 -39.79 4.24
N ASP A 468 9.09 -40.75 3.33
CA ASP A 468 7.96 -41.65 3.07
C ASP A 468 7.84 -42.72 4.15
N ALA A 469 8.91 -42.93 4.94
CA ALA A 469 8.78 -43.76 6.14
C ALA A 469 7.84 -43.11 7.16
N ALA A 470 7.98 -41.81 7.37
CA ALA A 470 7.05 -41.11 8.25
C ALA A 470 5.66 -41.01 7.62
N ALA A 471 5.62 -40.93 6.29
CA ALA A 471 4.33 -40.80 5.61
C ALA A 471 3.52 -42.09 5.69
N LYS A 472 4.19 -43.24 5.69
CA LYS A 472 3.47 -44.49 5.94
C LYS A 472 3.24 -44.69 7.43
N GLY A 473 4.15 -44.19 8.29
CA GLY A 473 4.00 -44.38 9.72
C GLY A 473 2.86 -43.59 10.32
N ALA A 474 2.58 -42.41 9.76
CA ALA A 474 1.44 -41.61 10.18
C ALA A 474 0.17 -41.98 9.45
N ALA A 475 0.25 -42.95 8.52
CA ALA A 475 -0.82 -43.31 7.60
C ALA A 475 -1.34 -42.08 6.86
N ILE A 476 -0.43 -41.39 6.18
CA ILE A 476 -0.76 -40.28 5.31
C ILE A 476 -0.24 -40.51 3.89
N ALA A 477 0.38 -41.67 3.64
CA ALA A 477 0.93 -41.97 2.33
C ALA A 477 -0.17 -42.10 1.28
N ASP A 478 -1.37 -42.55 1.68
CA ASP A 478 -2.50 -42.52 0.75
C ASP A 478 -2.91 -41.09 0.43
N PHE A 479 -2.78 -40.19 1.41
CA PHE A 479 -3.13 -38.80 1.16
C PHE A 479 -2.08 -38.13 0.28
N ILE A 480 -0.83 -38.59 0.36
CA ILE A 480 0.19 -38.03 -0.53
C ILE A 480 0.09 -38.66 -1.91
N ALA A 481 -0.54 -39.84 -2.00
CA ALA A 481 -0.80 -40.43 -3.31
C ALA A 481 -1.97 -39.75 -3.99
N ARG A 482 -2.97 -39.34 -3.21
CA ARG A 482 -4.15 -38.67 -3.74
C ARG A 482 -3.89 -37.24 -4.17
N LEU A 483 -2.77 -36.66 -3.77
CA LEU A 483 -2.47 -35.29 -4.17
C LEU A 483 -1.96 -35.27 -5.61
N PRO A 484 -2.26 -34.20 -6.37
CA PRO A 484 -1.81 -34.14 -7.77
C PRO A 484 -0.29 -34.04 -7.90
N GLN A 485 0.34 -33.13 -7.17
CA GLN A 485 1.78 -32.99 -7.18
C GLN A 485 2.47 -33.88 -6.16
N GLY A 486 1.70 -34.72 -5.45
CA GLY A 486 2.27 -35.68 -4.53
C GLY A 486 2.92 -35.01 -3.35
N TYR A 487 4.19 -35.34 -3.11
CA TYR A 487 4.96 -34.69 -2.07
C TYR A 487 5.29 -33.25 -2.40
N ASP A 488 5.22 -32.87 -3.67
CA ASP A 488 5.62 -31.53 -4.05
C ASP A 488 4.42 -30.59 -4.19
N THR A 489 3.32 -30.90 -3.51
CA THR A 489 2.16 -30.01 -3.52
C THR A 489 2.37 -28.84 -2.59
N GLU A 490 2.20 -27.63 -3.12
CA GLU A 490 2.28 -26.43 -2.29
C GLU A 490 1.07 -26.34 -1.38
N VAL A 491 1.32 -26.21 -0.07
CA VAL A 491 0.30 -26.33 0.95
C VAL A 491 0.33 -25.09 1.84
N GLY A 492 -0.59 -25.06 2.80
CA GLY A 492 -0.66 -23.96 3.73
C GLY A 492 -1.30 -22.73 3.11
N GLU A 493 -0.96 -21.58 3.69
CA GLU A 493 -1.33 -20.31 3.08
C GLU A 493 -0.56 -20.15 1.78
N ARG A 494 -1.19 -19.43 0.83
CA ARG A 494 -0.85 -19.35 -0.60
C ARG A 494 -0.66 -20.74 -1.25
N GLY A 495 -1.37 -21.73 -0.73
CA GLY A 495 -1.37 -23.08 -1.25
C GLY A 495 -2.64 -23.78 -0.85
N LEU A 496 -2.65 -25.10 -1.06
CA LEU A 496 -3.84 -25.88 -0.75
C LEU A 496 -3.99 -26.06 0.76
N LYS A 497 -5.14 -25.63 1.27
CA LYS A 497 -5.46 -25.75 2.69
C LYS A 497 -5.73 -27.21 3.02
N LEU A 498 -5.33 -27.63 4.21
CA LEU A 498 -5.52 -29.00 4.66
C LEU A 498 -6.42 -29.03 5.88
N SER A 499 -7.11 -30.15 6.06
CA SER A 499 -8.00 -30.31 7.20
C SER A 499 -7.20 -30.58 8.47
N GLY A 500 -7.90 -30.53 9.60
CA GLY A 500 -7.23 -30.60 10.89
C GLY A 500 -6.59 -31.94 11.16
N GLY A 501 -7.29 -33.03 10.85
CA GLY A 501 -6.70 -34.34 11.04
C GLY A 501 -5.53 -34.61 10.11
N GLU A 502 -5.61 -34.07 8.90
CA GLU A 502 -4.48 -34.13 7.98
C GLU A 502 -3.28 -33.39 8.54
N LYS A 503 -3.52 -32.21 9.11
CA LYS A 503 -2.43 -31.41 9.68
C LYS A 503 -1.83 -32.09 10.89
N GLN A 504 -2.65 -32.77 11.69
CA GLN A 504 -2.12 -33.52 12.82
C GLN A 504 -1.30 -34.71 12.36
N ARG A 505 -1.71 -35.37 11.27
CA ARG A 505 -0.91 -36.45 10.70
C ARG A 505 0.42 -35.93 10.16
N VAL A 506 0.41 -34.73 9.58
CA VAL A 506 1.65 -34.05 9.17
C VAL A 506 2.55 -33.82 10.37
N ALA A 507 1.97 -33.40 11.50
CA ALA A 507 2.77 -33.19 12.70
C ALA A 507 3.34 -34.50 13.23
N ILE A 508 2.56 -35.58 13.13
CA ILE A 508 3.03 -36.90 13.55
C ILE A 508 4.18 -37.35 12.68
N ALA A 509 4.09 -37.10 11.38
CA ALA A 509 5.18 -37.44 10.48
C ALA A 509 6.42 -36.60 10.77
N ARG A 510 6.21 -35.33 11.16
CA ARG A 510 7.32 -34.46 11.54
C ARG A 510 8.05 -35.02 12.75
N THR A 511 7.29 -35.46 13.74
CA THR A 511 7.88 -36.06 14.93
C THR A 511 8.57 -37.39 14.62
N LEU A 512 8.06 -38.13 13.64
CA LEU A 512 8.71 -39.39 13.30
C LEU A 512 9.98 -39.17 12.50
N VAL A 513 10.03 -38.10 11.71
CA VAL A 513 11.29 -37.70 11.10
C VAL A 513 12.29 -37.30 12.16
N LYS A 514 11.83 -36.65 13.24
CA LYS A 514 12.75 -36.29 14.31
C LYS A 514 13.21 -37.52 15.09
N ASN A 515 12.31 -38.48 15.28
CA ASN A 515 12.57 -39.72 16.01
C ASN A 515 13.17 -39.54 17.42
N PRO A 516 12.39 -39.08 18.39
CA PRO A 516 12.92 -38.99 19.75
C PRO A 516 12.59 -40.22 20.56
N PRO A 517 13.26 -40.42 21.69
CA PRO A 517 12.78 -41.44 22.63
C PRO A 517 11.61 -40.97 23.46
N ILE A 518 11.38 -39.66 23.53
CA ILE A 518 10.34 -39.07 24.36
C ILE A 518 9.46 -38.21 23.48
N LEU A 519 8.16 -38.49 23.47
CA LEU A 519 7.24 -37.63 22.76
C LEU A 519 6.08 -37.21 23.65
N LEU A 520 5.44 -36.12 23.25
CA LEU A 520 4.36 -35.51 24.03
C LEU A 520 3.19 -35.18 23.12
N PHE A 521 1.98 -35.35 23.65
CA PHE A 521 0.77 -34.94 22.98
C PHE A 521 0.16 -33.80 23.78
N ASP A 522 0.35 -32.57 23.33
CA ASP A 522 -0.16 -31.40 24.05
C ASP A 522 -1.53 -31.11 23.43
N GLU A 523 -2.55 -31.80 23.96
CA GLU A 523 -3.95 -31.68 23.50
C GLU A 523 -4.08 -31.92 22.00
N ALA A 524 -3.61 -33.10 21.58
CA ALA A 524 -3.49 -33.38 20.15
C ALA A 524 -4.85 -33.56 19.48
N THR A 525 -5.87 -33.89 20.26
CA THR A 525 -7.21 -34.11 19.72
C THR A 525 -8.23 -33.11 20.21
N SER A 526 -7.79 -31.99 20.78
CA SER A 526 -8.71 -31.07 21.44
C SER A 526 -9.56 -30.29 20.43
N ALA A 527 -9.02 -30.04 19.25
CA ALA A 527 -9.75 -29.29 18.24
C ALA A 527 -10.27 -30.18 17.12
N LEU A 528 -10.13 -31.49 17.26
CA LEU A 528 -10.56 -32.42 16.22
C LEU A 528 -11.93 -33.00 16.53
N ASP A 529 -12.57 -33.54 15.49
CA ASP A 529 -13.85 -34.17 15.69
C ASP A 529 -13.66 -35.60 16.21
N THR A 530 -14.80 -36.23 16.55
CA THR A 530 -14.75 -37.54 17.18
C THR A 530 -14.31 -38.63 16.20
N ARG A 531 -14.60 -38.45 14.91
CA ARG A 531 -14.23 -39.46 13.93
C ARG A 531 -12.73 -39.43 13.67
N THR A 532 -12.18 -38.26 13.42
CA THR A 532 -10.73 -38.10 13.26
C THR A 532 -10.00 -38.47 14.54
N GLU A 533 -10.64 -38.22 15.68
CA GLU A 533 -10.10 -38.62 16.97
C GLU A 533 -9.96 -40.13 17.07
N GLN A 534 -11.05 -40.85 16.78
CA GLN A 534 -11.03 -42.31 16.88
C GLN A 534 -10.14 -42.94 15.83
N ASP A 535 -9.93 -42.24 14.71
CA ASP A 535 -8.98 -42.72 13.72
C ASP A 535 -7.55 -42.48 14.19
N ILE A 536 -7.32 -41.37 14.90
CA ILE A 536 -5.95 -40.95 15.14
C ILE A 536 -5.39 -41.59 16.40
N LEU A 537 -6.25 -42.08 17.31
CA LEU A 537 -5.73 -42.70 18.53
C LEU A 537 -4.98 -44.01 18.24
N SER A 538 -5.47 -44.76 17.25
CA SER A 538 -4.77 -45.97 16.83
C SER A 538 -3.41 -45.63 16.27
N THR A 539 -3.32 -44.54 15.51
CA THR A 539 -2.05 -44.07 15.00
C THR A 539 -1.12 -43.66 16.12
N MET A 540 -1.66 -43.02 17.15
CA MET A 540 -0.85 -42.59 18.28
C MET A 540 -0.32 -43.78 19.08
N ARG A 541 -1.12 -44.84 19.17
CA ARG A 541 -0.64 -46.07 19.77
C ARG A 541 0.41 -46.74 18.88
N ALA A 542 0.30 -46.52 17.57
CA ALA A 542 1.30 -47.07 16.67
C ALA A 542 2.66 -46.39 16.82
N VAL A 543 2.66 -45.07 17.02
CA VAL A 543 3.95 -44.43 17.32
C VAL A 543 4.40 -44.78 18.73
N ALA A 544 3.45 -45.11 19.61
CA ALA A 544 3.74 -45.40 21.00
C ALA A 544 4.25 -46.82 21.23
N SER A 545 4.92 -47.41 20.23
CA SER A 545 5.49 -48.75 20.37
C SER A 545 6.58 -48.80 21.44
N HIS A 546 7.70 -48.11 21.19
CA HIS A 546 8.90 -48.28 22.02
C HIS A 546 9.43 -46.97 22.55
N ARG A 547 8.59 -45.94 22.60
CA ARG A 547 9.03 -44.63 23.05
C ARG A 547 8.41 -44.32 24.41
N THR A 548 9.02 -43.38 25.11
CA THR A 548 8.43 -42.86 26.32
C THR A 548 7.40 -41.81 25.92
N THR A 549 6.14 -42.11 26.17
CA THR A 549 5.02 -41.31 25.66
C THR A 549 4.33 -40.63 26.83
N ILE A 550 4.22 -39.31 26.74
CA ILE A 550 3.47 -38.51 27.70
C ILE A 550 2.32 -37.87 26.94
N SER A 551 1.10 -38.02 27.45
CA SER A 551 -0.05 -37.50 26.75
C SER A 551 -0.86 -36.64 27.70
N ILE A 552 -1.17 -35.42 27.27
CA ILE A 552 -2.06 -34.52 28.00
C ILE A 552 -3.29 -34.33 27.13
N ALA A 553 -4.46 -34.62 27.69
CA ALA A 553 -5.69 -34.65 26.93
C ALA A 553 -6.79 -33.91 27.67
N HIS A 554 -7.91 -33.74 26.99
CA HIS A 554 -9.07 -33.09 27.60
C HIS A 554 -10.24 -34.07 27.75
N ARG A 555 -10.38 -35.00 26.80
CA ARG A 555 -11.48 -35.97 26.81
C ARG A 555 -10.94 -37.32 27.29
N LEU A 556 -11.38 -37.73 28.48
CA LEU A 556 -10.76 -38.81 29.23
C LEU A 556 -10.89 -40.16 28.53
N SER A 557 -11.98 -40.36 27.78
CA SER A 557 -12.15 -41.57 26.99
C SER A 557 -11.02 -41.75 26.00
N THR A 558 -10.58 -40.65 25.38
CA THR A 558 -9.45 -40.67 24.47
C THR A 558 -8.16 -41.05 25.15
N ILE A 559 -8.08 -40.89 26.47
CA ILE A 559 -6.92 -41.34 27.21
C ILE A 559 -7.31 -42.43 28.21
N ALA A 560 -8.44 -43.09 27.98
CA ALA A 560 -8.88 -44.15 28.87
C ALA A 560 -8.00 -45.40 28.80
N ASP A 561 -7.12 -45.50 27.81
CA ASP A 561 -6.33 -46.70 27.58
C ASP A 561 -4.90 -46.61 28.13
N SER A 562 -4.57 -45.56 28.85
CA SER A 562 -3.19 -45.33 29.26
C SER A 562 -2.77 -46.30 30.36
N ASP A 563 -1.46 -46.38 30.58
CA ASP A 563 -0.93 -47.20 31.68
C ASP A 563 -1.32 -46.61 33.02
N THR A 564 -1.10 -45.32 33.18
CA THR A 564 -1.54 -44.61 34.38
C THR A 564 -1.91 -43.19 33.99
N ILE A 565 -2.72 -42.58 34.85
CA ILE A 565 -3.15 -41.20 34.71
C ILE A 565 -2.69 -40.45 35.95
N LEU A 566 -2.07 -39.30 35.75
CA LEU A 566 -1.81 -38.37 36.83
C LEU A 566 -2.69 -37.15 36.62
N VAL A 567 -3.55 -36.88 37.58
CA VAL A 567 -4.50 -35.78 37.50
C VAL A 567 -3.96 -34.63 38.32
N LEU A 568 -3.85 -33.47 37.68
CA LEU A 568 -3.28 -32.27 38.28
C LEU A 568 -4.40 -31.38 38.78
N ASP A 569 -4.15 -30.68 39.89
CA ASP A 569 -5.07 -29.67 40.39
C ASP A 569 -4.26 -28.56 41.05
N GLN A 570 -4.46 -27.33 40.55
CA GLN A 570 -3.81 -26.07 40.97
C GLN A 570 -2.30 -26.24 41.25
N GLY A 571 -1.62 -26.86 40.31
CA GLY A 571 -0.19 -27.06 40.47
C GLY A 571 0.18 -28.12 41.48
N ARG A 572 -0.75 -29.00 41.82
CA ARG A 572 -0.46 -30.10 42.73
C ARG A 572 -0.79 -31.40 42.03
N LEU A 573 0.05 -32.41 42.27
CA LEU A 573 -0.24 -33.76 41.80
C LEU A 573 -1.39 -34.29 42.64
N ALA A 574 -2.60 -34.11 42.15
CA ALA A 574 -3.78 -34.47 42.93
C ALA A 574 -4.00 -35.97 42.96
N GLU A 575 -4.17 -36.59 41.80
CA GLU A 575 -4.50 -38.00 41.75
C GLU A 575 -3.50 -38.74 40.89
N GLN A 576 -3.39 -40.05 41.11
CA GLN A 576 -2.43 -40.88 40.41
C GLN A 576 -2.90 -42.32 40.43
N GLY A 577 -2.90 -42.96 39.28
CA GLY A 577 -3.21 -44.38 39.22
C GLY A 577 -3.83 -44.77 37.91
N SER A 578 -4.19 -46.04 37.80
CA SER A 578 -4.75 -46.55 36.57
C SER A 578 -6.22 -46.14 36.45
N HIS A 579 -6.76 -46.34 35.23
CA HIS A 579 -8.14 -45.93 34.96
C HIS A 579 -9.13 -46.75 35.76
N LEU A 580 -8.88 -48.06 35.90
CA LEU A 580 -9.72 -48.91 36.73
C LEU A 580 -9.64 -48.49 38.19
N ASP A 581 -8.45 -48.08 38.64
CA ASP A 581 -8.28 -47.68 40.02
C ASP A 581 -9.00 -46.38 40.32
N LEU A 582 -8.99 -45.44 39.36
CA LEU A 582 -9.65 -44.16 39.61
C LEU A 582 -11.16 -44.26 39.46
N LEU A 583 -11.64 -45.02 38.46
CA LEU A 583 -13.08 -45.26 38.34
C LEU A 583 -13.60 -46.19 39.42
N ARG A 584 -12.71 -46.85 40.16
CA ARG A 584 -13.13 -47.57 41.36
C ARG A 584 -13.06 -46.67 42.59
N ARG A 585 -12.16 -45.68 42.58
CA ARG A 585 -12.09 -44.74 43.69
C ARG A 585 -13.21 -43.73 43.67
N ASP A 586 -13.87 -43.56 42.50
CA ASP A 586 -15.16 -42.86 42.38
C ASP A 586 -15.08 -41.38 42.76
N GLY A 587 -13.94 -40.76 42.52
CA GLY A 587 -13.74 -39.40 42.98
C GLY A 587 -13.96 -38.38 41.89
N LEU A 588 -13.07 -37.40 41.84
CA LEU A 588 -13.15 -36.33 40.85
C LEU A 588 -12.96 -36.87 39.44
N TYR A 589 -12.19 -37.96 39.30
CA TYR A 589 -12.05 -38.61 38.00
C TYR A 589 -13.39 -39.14 37.50
N ALA A 590 -14.10 -39.85 38.37
CA ALA A 590 -15.40 -40.40 37.99
C ALA A 590 -16.41 -39.29 37.75
N GLU A 591 -16.30 -38.19 38.50
CA GLU A 591 -17.19 -37.06 38.31
C GLU A 591 -16.95 -36.40 36.95
N MET A 592 -15.68 -36.20 36.59
CA MET A 592 -15.33 -35.66 35.28
C MET A 592 -15.72 -36.63 34.17
N TRP A 593 -15.62 -37.93 34.44
CA TRP A 593 -15.96 -38.95 33.46
C TRP A 593 -17.45 -38.94 33.17
N ALA A 594 -18.27 -38.87 34.22
CA ALA A 594 -19.72 -38.79 34.03
C ALA A 594 -20.11 -37.44 33.44
N ARG A 595 -19.35 -36.39 33.77
CA ARG A 595 -19.59 -35.08 33.17
C ARG A 595 -19.35 -35.10 31.67
N GLN A 596 -18.26 -35.76 31.25
CA GLN A 596 -17.96 -35.86 29.83
C GLN A 596 -18.93 -36.79 29.13
N ALA A 597 -19.40 -37.83 29.83
CA ALA A 597 -20.38 -38.74 29.25
C ALA A 597 -21.72 -38.03 29.01
N ALA A 598 -22.15 -37.23 29.98
CA ALA A 598 -23.40 -36.49 29.82
C ALA A 598 -23.26 -35.35 28.82
N GLU A 599 -22.07 -34.75 28.74
CA GLU A 599 -21.86 -33.66 27.80
C GLU A 599 -21.72 -34.19 26.37
N SER A 600 -21.31 -35.46 26.23
CA SER A 600 -21.29 -36.09 24.92
C SER A 600 -22.67 -36.61 24.54
N ALA A 601 -23.46 -37.03 25.52
CA ALA A 601 -24.81 -37.51 25.25
C ALA A 601 -25.74 -36.35 24.90
N GLU A 602 -25.52 -35.19 25.52
CA GLU A 602 -26.32 -34.01 25.23
C GLU A 602 -25.94 -33.41 23.88
N HIS B 14 -10.20 2.93 -29.25
CA HIS B 14 -9.02 3.34 -28.49
C HIS B 14 -8.00 4.03 -29.40
N ASP B 15 -8.29 5.27 -29.78
CA ASP B 15 -7.37 6.06 -30.59
C ASP B 15 -7.14 7.41 -29.92
N GLY B 16 -5.90 7.88 -30.00
CA GLY B 16 -5.56 9.15 -29.39
C GLY B 16 -6.29 10.32 -29.99
N TRP B 17 -6.53 10.29 -31.31
CA TRP B 17 -7.24 11.37 -32.00
C TRP B 17 -8.65 11.55 -31.48
N GLN B 18 -9.48 10.51 -31.58
CA GLN B 18 -10.87 10.61 -31.15
C GLN B 18 -10.98 10.73 -29.63
N THR B 19 -10.07 10.08 -28.90
CA THR B 19 -10.09 10.14 -27.44
C THR B 19 -9.80 11.55 -26.93
N LEU B 20 -8.72 12.15 -27.42
CA LEU B 20 -8.40 13.49 -26.97
C LEU B 20 -9.34 14.53 -27.58
N LYS B 21 -9.94 14.23 -28.73
CA LYS B 21 -10.92 15.15 -29.29
C LYS B 21 -12.21 15.11 -28.49
N ARG B 22 -12.52 13.97 -27.88
CA ARG B 22 -13.59 13.92 -26.92
C ARG B 22 -13.22 14.68 -25.65
N PHE B 23 -11.95 14.60 -25.26
CA PHE B 23 -11.53 15.30 -24.05
C PHE B 23 -11.45 16.81 -24.23
N LEU B 24 -11.28 17.27 -25.48
CA LEU B 24 -11.04 18.69 -25.74
C LEU B 24 -12.13 19.65 -25.25
N PRO B 25 -13.43 19.34 -25.27
CA PRO B 25 -14.36 20.25 -24.58
C PRO B 25 -14.18 20.29 -23.09
N TYR B 26 -13.64 19.23 -22.47
CA TYR B 26 -13.49 19.25 -21.02
C TYR B 26 -12.33 20.14 -20.59
N LEU B 27 -11.42 20.44 -21.51
CA LEU B 27 -10.39 21.43 -21.23
C LEU B 27 -10.79 22.80 -21.71
N TRP B 28 -11.39 22.88 -22.90
CA TRP B 28 -11.82 24.13 -23.53
C TRP B 28 -13.34 24.11 -23.49
N PRO B 29 -13.94 24.66 -22.43
CA PRO B 29 -15.37 24.43 -22.20
C PRO B 29 -16.27 25.22 -23.12
N ALA B 30 -15.77 26.32 -23.68
CA ALA B 30 -16.52 27.38 -24.34
C ALA B 30 -17.62 27.97 -23.45
N ASP B 31 -17.49 27.84 -22.13
CA ASP B 31 -18.47 28.35 -21.19
C ASP B 31 -17.87 29.11 -20.03
N ASN B 32 -16.61 28.89 -19.68
CA ASN B 32 -15.99 29.58 -18.57
C ASN B 32 -14.82 30.42 -19.09
N ALA B 33 -15.02 31.74 -19.06
CA ALA B 33 -14.03 32.65 -19.64
C ALA B 33 -12.75 32.68 -18.84
N VAL B 34 -12.82 32.45 -17.53
CA VAL B 34 -11.61 32.39 -16.72
C VAL B 34 -10.82 31.13 -17.07
N LEU B 35 -11.51 30.06 -17.47
CA LEU B 35 -10.82 28.85 -17.90
C LEU B 35 -10.11 29.03 -19.23
N ARG B 36 -10.78 29.63 -20.22
CA ARG B 36 -10.12 29.83 -21.51
C ARG B 36 -9.01 30.87 -21.41
N ARG B 37 -9.21 31.89 -20.56
CA ARG B 37 -8.14 32.85 -20.31
C ARG B 37 -6.97 32.20 -19.61
N ARG B 38 -7.23 31.26 -18.70
CA ARG B 38 -6.16 30.58 -18.00
C ARG B 38 -5.36 29.68 -18.94
N VAL B 39 -6.05 28.99 -19.86
CA VAL B 39 -5.31 28.08 -20.73
C VAL B 39 -4.53 28.86 -21.80
N VAL B 40 -5.05 30.01 -22.25
CA VAL B 40 -4.29 30.78 -23.22
C VAL B 40 -3.13 31.50 -22.53
N GLY B 41 -3.30 31.83 -21.25
CA GLY B 41 -2.17 32.35 -20.49
C GLY B 41 -1.12 31.29 -20.25
N ALA B 42 -1.55 30.03 -20.13
CA ALA B 42 -0.60 28.94 -19.93
C ALA B 42 0.27 28.74 -21.16
N ILE B 43 -0.34 28.67 -22.34
CA ILE B 43 0.49 28.47 -23.54
C ILE B 43 1.30 29.72 -23.85
N LEU B 44 0.79 30.90 -23.46
CA LEU B 44 1.56 32.12 -23.59
C LEU B 44 2.81 32.08 -22.72
N MET B 45 2.67 31.59 -21.48
CA MET B 45 3.83 31.49 -20.60
C MET B 45 4.82 30.44 -21.09
N VAL B 46 4.32 29.35 -21.70
CA VAL B 46 5.20 28.33 -22.28
C VAL B 46 6.06 28.94 -23.38
N LEU B 47 5.42 29.61 -24.33
CA LEU B 47 6.15 30.17 -25.46
C LEU B 47 7.08 31.30 -25.02
N LEU B 48 6.67 32.06 -24.01
CA LEU B 48 7.51 33.15 -23.53
C LEU B 48 8.74 32.62 -22.81
N GLY B 49 8.57 31.54 -22.03
CA GLY B 49 9.70 30.96 -21.34
C GLY B 49 10.73 30.35 -22.28
N LYS B 50 10.26 29.60 -23.28
CA LYS B 50 11.21 29.03 -24.23
C LYS B 50 11.85 30.11 -25.09
N ALA B 51 11.11 31.18 -25.38
CA ALA B 51 11.67 32.27 -26.17
C ALA B 51 12.80 32.99 -25.43
N THR B 52 12.60 33.30 -24.15
CA THR B 52 13.66 33.98 -23.43
C THR B 52 14.83 33.06 -23.12
N THR B 53 14.54 31.75 -22.99
CA THR B 53 15.62 30.79 -22.76
C THR B 53 16.51 30.65 -23.99
N LEU B 54 15.92 30.64 -25.19
CA LEU B 54 16.75 30.56 -26.37
C LEU B 54 17.36 31.91 -26.70
N ALA B 55 16.80 33.00 -26.17
CA ALA B 55 17.28 34.31 -26.59
C ALA B 55 18.43 34.82 -25.72
N LEU B 56 18.57 34.31 -24.49
CA LEU B 56 19.67 34.78 -23.65
C LEU B 56 21.10 34.46 -24.13
N PRO B 57 21.46 33.29 -24.68
CA PRO B 57 22.88 33.09 -25.00
C PRO B 57 23.34 33.87 -26.20
N PHE B 58 22.41 34.34 -27.01
CA PHE B 58 22.71 35.29 -28.06
C PHE B 58 23.27 36.58 -27.47
N ALA B 59 22.64 37.07 -26.40
CA ALA B 59 23.15 38.25 -25.73
C ALA B 59 24.47 37.97 -25.04
N TYR B 60 24.66 36.74 -24.56
CA TYR B 60 25.95 36.37 -23.99
C TYR B 60 27.06 36.40 -25.04
N LYS B 61 26.76 35.92 -26.26
CA LYS B 61 27.74 35.93 -27.34
C LYS B 61 28.08 37.36 -27.76
N LYS B 62 27.06 38.22 -27.81
CA LYS B 62 27.30 39.63 -28.13
C LYS B 62 28.16 40.29 -27.05
N ALA B 63 27.99 39.87 -25.80
CA ALA B 63 28.81 40.40 -24.72
C ALA B 63 30.28 40.02 -24.89
N VAL B 64 30.54 38.75 -25.19
CA VAL B 64 31.92 38.30 -25.35
C VAL B 64 32.54 38.94 -26.59
N ASP B 65 31.75 39.13 -27.65
CA ASP B 65 32.26 39.77 -28.86
C ASP B 65 32.61 41.23 -28.61
N ALA B 66 31.76 41.92 -27.84
CA ALA B 66 32.04 43.32 -27.52
C ALA B 66 33.23 43.44 -26.58
N MET B 67 33.46 42.42 -25.76
CA MET B 67 34.65 42.49 -24.91
C MET B 67 35.92 42.15 -25.67
N THR B 68 35.82 41.32 -26.71
CA THR B 68 37.05 40.93 -27.40
C THR B 68 37.40 41.83 -28.58
N LEU B 69 36.46 42.65 -29.07
CA LEU B 69 36.79 43.51 -30.20
C LEU B 69 36.79 44.95 -29.77
N GLY B 70 37.41 45.23 -28.62
CA GLY B 70 37.40 46.55 -28.03
C GLY B 70 38.32 47.56 -28.68
N GLY B 71 38.94 47.21 -29.81
CA GLY B 71 39.69 48.20 -30.58
C GLY B 71 38.76 49.20 -31.25
N GLY B 72 37.53 48.77 -31.56
CA GLY B 72 36.55 49.63 -32.18
C GLY B 72 35.50 50.16 -31.25
N ALA B 73 35.23 49.46 -30.14
CA ALA B 73 34.21 49.85 -29.18
C ALA B 73 34.86 50.08 -27.82
N GLN B 74 35.23 51.34 -27.56
CA GLN B 74 35.85 51.73 -26.29
C GLN B 74 34.91 51.65 -25.08
N PRO B 75 33.60 52.08 -25.12
CA PRO B 75 32.74 51.79 -23.95
C PRO B 75 32.33 50.33 -23.82
N ALA B 76 33.33 49.45 -23.74
CA ALA B 76 33.07 48.02 -23.59
C ALA B 76 32.55 47.72 -22.20
N LEU B 77 32.92 48.56 -21.22
CA LEU B 77 32.19 48.66 -19.96
C LEU B 77 30.69 48.65 -20.16
N THR B 78 30.19 49.63 -20.90
CA THR B 78 28.76 49.81 -21.08
C THR B 78 28.14 48.65 -21.85
N VAL B 79 28.73 48.29 -22.99
CA VAL B 79 28.12 47.29 -23.86
C VAL B 79 28.16 45.91 -23.21
N ALA B 80 29.33 45.52 -22.69
CA ALA B 80 29.47 44.21 -22.08
C ALA B 80 28.66 44.10 -20.80
N LEU B 81 28.64 45.17 -19.99
CA LEU B 81 27.88 45.16 -18.76
C LEU B 81 26.40 45.04 -19.04
N ALA B 82 25.92 45.73 -20.06
CA ALA B 82 24.51 45.69 -20.41
C ALA B 82 24.10 44.31 -20.91
N PHE B 83 24.89 43.75 -21.83
CA PHE B 83 24.52 42.44 -22.38
C PHE B 83 24.65 41.34 -21.33
N VAL B 84 25.59 41.49 -20.40
CA VAL B 84 25.77 40.48 -19.37
C VAL B 84 24.63 40.52 -18.36
N LEU B 85 24.21 41.72 -17.94
CA LEU B 85 23.07 41.84 -17.04
C LEU B 85 21.80 41.36 -17.71
N ALA B 86 21.70 41.58 -19.03
CA ALA B 86 20.58 41.04 -19.80
C ALA B 86 20.60 39.53 -19.80
N TYR B 87 21.79 38.92 -19.87
CA TYR B 87 21.90 37.47 -19.83
C TYR B 87 21.41 36.90 -18.51
N ALA B 88 21.85 37.51 -17.40
CA ALA B 88 21.46 37.00 -16.09
C ALA B 88 19.96 37.18 -15.84
N LEU B 89 19.43 38.34 -16.22
CA LEU B 89 18.01 38.57 -16.06
C LEU B 89 17.19 37.67 -16.97
N GLY B 90 17.71 37.32 -18.15
CA GLY B 90 17.00 36.41 -19.02
C GLY B 90 16.94 35.00 -18.47
N ARG B 91 18.02 34.56 -17.83
CA ARG B 91 18.02 33.26 -17.16
C ARG B 91 16.98 33.20 -16.05
N PHE B 92 16.96 34.24 -15.22
CA PHE B 92 15.96 34.31 -14.16
C PHE B 92 14.56 34.38 -14.72
N SER B 93 14.38 35.10 -15.83
CA SER B 93 13.05 35.23 -16.41
C SER B 93 12.58 33.93 -17.03
N GLY B 94 13.51 33.12 -17.55
CA GLY B 94 13.14 31.81 -18.07
C GLY B 94 12.61 30.90 -16.99
N VAL B 95 13.29 30.84 -15.85
CA VAL B 95 12.80 29.98 -14.78
C VAL B 95 11.52 30.56 -14.18
N LEU B 96 11.41 31.88 -14.19
CA LEU B 96 10.21 32.57 -13.73
C LEU B 96 8.99 32.20 -14.57
N PHE B 97 9.18 32.15 -15.89
CA PHE B 97 8.05 31.86 -16.76
C PHE B 97 7.66 30.40 -16.70
N ASP B 98 8.63 29.51 -16.45
CA ASP B 98 8.28 28.11 -16.30
C ASP B 98 7.47 27.86 -15.02
N ASN B 99 7.86 28.51 -13.93
CA ASN B 99 7.04 28.29 -12.74
C ASN B 99 5.70 29.02 -12.82
N LEU B 100 5.64 30.11 -13.58
CA LEU B 100 4.35 30.76 -13.78
C LEU B 100 3.42 29.93 -14.65
N ARG B 101 3.96 29.21 -15.64
CA ARG B 101 3.08 28.36 -16.45
C ARG B 101 2.57 27.20 -15.61
N ASN B 102 3.37 26.72 -14.65
CA ASN B 102 2.86 25.69 -13.75
C ASN B 102 1.75 26.24 -12.85
N ILE B 103 1.93 27.46 -12.35
CA ILE B 103 0.97 28.06 -11.42
C ILE B 103 -0.36 28.32 -12.13
N VAL B 104 -0.31 28.84 -13.35
CA VAL B 104 -1.55 29.15 -14.05
C VAL B 104 -2.21 27.88 -14.56
N PHE B 105 -1.42 26.83 -14.86
CA PHE B 105 -1.99 25.69 -15.56
C PHE B 105 -2.52 24.60 -14.63
N GLU B 106 -2.05 24.56 -13.38
CA GLU B 106 -2.41 23.45 -12.50
C GLU B 106 -3.88 23.46 -12.13
N ARG B 107 -4.46 24.65 -11.93
CA ARG B 107 -5.88 24.75 -11.63
C ARG B 107 -6.72 24.29 -12.82
N VAL B 108 -6.24 24.55 -14.03
CA VAL B 108 -6.93 24.10 -15.24
C VAL B 108 -6.93 22.59 -15.31
N GLY B 109 -5.78 21.97 -15.06
CA GLY B 109 -5.69 20.52 -15.08
C GLY B 109 -6.58 19.86 -14.03
N GLN B 110 -6.59 20.43 -12.83
CA GLN B 110 -7.41 19.90 -11.75
C GLN B 110 -8.89 20.05 -12.04
N ASP B 111 -9.29 21.17 -12.66
CA ASP B 111 -10.72 21.34 -12.92
C ASP B 111 -11.17 20.47 -14.08
N ALA B 112 -10.28 20.20 -15.04
CA ALA B 112 -10.63 19.28 -16.13
C ALA B 112 -10.85 17.87 -15.61
N THR B 113 -9.90 17.36 -14.81
CA THR B 113 -10.10 16.02 -14.30
C THR B 113 -11.23 15.96 -13.27
N ARG B 114 -11.50 17.07 -12.58
CA ARG B 114 -12.59 17.07 -11.61
C ARG B 114 -13.94 17.03 -12.32
N HIS B 115 -14.07 17.75 -13.44
CA HIS B 115 -15.34 17.70 -14.17
C HIS B 115 -15.54 16.35 -14.83
N LEU B 116 -14.47 15.72 -15.30
CA LEU B 116 -14.61 14.39 -15.88
C LEU B 116 -15.01 13.37 -14.82
N ALA B 117 -14.40 13.46 -13.63
CA ALA B 117 -14.74 12.54 -12.54
C ALA B 117 -16.16 12.77 -12.04
N GLU B 118 -16.59 14.03 -12.00
CA GLU B 118 -17.96 14.32 -11.59
C GLU B 118 -18.95 13.77 -12.59
N ASN B 119 -18.64 13.86 -13.88
CA ASN B 119 -19.58 13.37 -14.88
C ASN B 119 -19.65 11.85 -14.89
N VAL B 120 -18.52 11.16 -14.68
CA VAL B 120 -18.59 9.71 -14.65
C VAL B 120 -19.29 9.25 -13.37
N PHE B 121 -19.16 10.01 -12.29
CA PHE B 121 -19.87 9.68 -11.06
C PHE B 121 -21.38 9.84 -11.24
N ALA B 122 -21.78 10.91 -11.93
CA ALA B 122 -23.21 11.15 -12.15
C ALA B 122 -23.82 10.09 -13.06
N ARG B 123 -23.10 9.74 -14.14
CA ARG B 123 -23.60 8.70 -15.03
C ARG B 123 -23.63 7.35 -14.34
N LEU B 124 -22.67 7.12 -13.44
CA LEU B 124 -22.61 5.87 -12.70
C LEU B 124 -23.78 5.74 -11.75
N HIS B 125 -24.11 6.81 -11.04
CA HIS B 125 -25.24 6.72 -10.12
C HIS B 125 -26.57 6.72 -10.86
N LYS B 126 -26.60 7.26 -12.07
CA LYS B 126 -27.83 7.18 -12.83
C LYS B 126 -27.97 5.82 -13.52
N LEU B 127 -26.88 5.05 -13.59
CA LEU B 127 -26.93 3.75 -14.24
C LEU B 127 -27.75 2.74 -13.43
N SER B 128 -28.15 1.66 -14.09
CA SER B 128 -29.12 0.72 -13.54
C SER B 128 -28.47 -0.36 -12.69
N LEU B 129 -29.32 -1.04 -11.91
CA LEU B 129 -28.87 -1.88 -10.79
C LEU B 129 -28.07 -3.09 -11.25
N ARG B 130 -28.42 -3.66 -12.40
CA ARG B 130 -27.71 -4.82 -12.89
C ARG B 130 -26.28 -4.50 -13.31
N PHE B 131 -25.96 -3.21 -13.51
CA PHE B 131 -24.56 -2.87 -13.66
C PHE B 131 -23.79 -3.05 -12.37
N HIS B 132 -24.39 -2.72 -11.23
CA HIS B 132 -23.69 -2.83 -9.97
C HIS B 132 -23.65 -4.27 -9.47
N LEU B 133 -24.41 -5.15 -10.10
CA LEU B 133 -24.31 -6.56 -9.75
C LEU B 133 -23.38 -7.31 -10.67
N ALA B 134 -23.21 -6.84 -11.91
CA ALA B 134 -22.30 -7.50 -12.82
C ALA B 134 -20.84 -7.20 -12.49
N ARG B 135 -20.58 -6.02 -11.93
CA ARG B 135 -19.22 -5.65 -11.56
C ARG B 135 -19.21 -5.27 -10.09
N ARG B 136 -18.02 -5.04 -9.56
CA ARG B 136 -17.88 -4.71 -8.16
C ARG B 136 -17.54 -3.24 -7.97
N THR B 137 -18.12 -2.66 -6.90
CA THR B 137 -17.99 -1.24 -6.65
C THR B 137 -16.56 -0.86 -6.31
N GLY B 138 -15.81 -1.79 -5.71
CA GLY B 138 -14.39 -1.56 -5.50
C GLY B 138 -13.61 -1.47 -6.79
N GLU B 139 -13.96 -2.31 -7.77
CA GLU B 139 -13.35 -2.22 -9.10
C GLU B 139 -13.67 -0.89 -9.76
N VAL B 140 -14.91 -0.43 -9.59
CA VAL B 140 -15.32 0.83 -10.22
C VAL B 140 -14.61 2.02 -9.56
N THR B 141 -14.50 2.02 -8.23
CA THR B 141 -13.86 3.17 -7.60
C THR B 141 -12.35 3.14 -7.79
N LYS B 142 -11.75 1.95 -7.91
CA LYS B 142 -10.32 1.93 -8.18
C LYS B 142 -10.04 2.35 -9.61
N VAL B 143 -10.96 2.04 -10.54
CA VAL B 143 -10.71 2.45 -11.92
C VAL B 143 -10.91 3.96 -12.06
N ILE B 144 -11.78 4.57 -11.24
CA ILE B 144 -11.95 6.00 -11.41
C ILE B 144 -10.83 6.77 -10.68
N GLU B 145 -10.31 6.24 -9.57
CA GLU B 145 -9.21 6.96 -8.93
C GLU B 145 -7.91 6.78 -9.72
N ARG B 146 -7.73 5.60 -10.31
CA ARG B 146 -6.63 5.38 -11.24
C ARG B 146 -6.76 6.27 -12.46
N GLY B 147 -8.00 6.46 -12.91
CA GLY B 147 -8.25 7.35 -14.04
C GLY B 147 -7.89 8.78 -13.76
N THR B 148 -8.31 9.32 -12.60
CA THR B 148 -8.03 10.73 -12.36
C THR B 148 -6.55 10.98 -12.09
N LYS B 149 -5.88 10.04 -11.42
CA LYS B 149 -4.43 10.20 -11.21
C LYS B 149 -3.66 10.11 -12.51
N SER B 150 -3.99 9.12 -13.35
CA SER B 150 -3.25 8.93 -14.60
C SER B 150 -3.55 10.04 -15.59
N ILE B 151 -4.78 10.56 -15.59
CA ILE B 151 -5.13 11.64 -16.50
C ILE B 151 -4.46 12.93 -16.08
N ASP B 152 -4.37 13.19 -14.78
CA ASP B 152 -3.66 14.37 -14.31
C ASP B 152 -2.18 14.32 -14.69
N THR B 153 -1.52 13.20 -14.41
CA THR B 153 -0.10 13.12 -14.70
C THR B 153 0.17 13.05 -16.21
N MET B 154 -0.78 12.50 -16.99
CA MET B 154 -0.59 12.42 -18.43
C MET B 154 -0.75 13.79 -19.06
N LEU B 155 -1.75 14.55 -18.63
CA LEU B 155 -1.96 15.89 -19.13
C LEU B 155 -0.77 16.79 -18.79
N TYR B 156 -0.27 16.67 -17.55
CA TYR B 156 0.86 17.48 -17.14
C TYR B 156 2.11 17.14 -17.94
N PHE B 157 2.41 15.84 -18.11
CA PHE B 157 3.61 15.44 -18.84
C PHE B 157 3.53 15.82 -20.31
N LEU B 158 2.37 15.56 -20.94
CA LEU B 158 2.26 15.78 -22.37
C LEU B 158 2.26 17.26 -22.71
N LEU B 159 1.70 18.10 -21.83
CA LEU B 159 1.64 19.50 -22.20
C LEU B 159 2.85 20.27 -21.66
N PHE B 160 3.59 19.71 -20.70
CA PHE B 160 4.68 20.45 -20.10
C PHE B 160 6.05 19.82 -20.27
N ASN B 161 6.18 18.75 -21.04
CA ASN B 161 7.53 18.38 -21.44
C ASN B 161 7.66 18.27 -22.95
N ILE B 162 6.68 17.64 -23.58
CA ILE B 162 6.82 17.27 -24.98
C ILE B 162 6.78 18.50 -25.88
N ALA B 163 5.77 19.35 -25.69
CA ALA B 163 5.71 20.58 -26.49
C ALA B 163 6.85 21.56 -26.22
N PRO B 164 7.26 21.85 -24.97
CA PRO B 164 8.42 22.75 -24.81
C PRO B 164 9.72 22.16 -25.31
N THR B 165 9.93 20.86 -25.14
CA THR B 165 11.17 20.27 -25.64
C THR B 165 11.18 20.20 -27.16
N VAL B 166 10.04 19.98 -27.80
CA VAL B 166 10.07 19.91 -29.25
C VAL B 166 10.20 21.31 -29.84
N ILE B 167 9.69 22.34 -29.14
CA ILE B 167 9.88 23.71 -29.60
C ILE B 167 11.34 24.12 -29.44
N GLU B 168 11.93 23.78 -28.29
CA GLU B 168 13.32 24.08 -28.03
C GLU B 168 14.24 23.35 -28.99
N LEU B 169 13.92 22.09 -29.31
CA LEU B 169 14.75 21.31 -30.22
C LEU B 169 14.69 21.86 -31.64
N THR B 170 13.48 22.18 -32.12
CA THR B 170 13.36 22.70 -33.48
C THR B 170 13.99 24.08 -33.59
N ALA B 171 13.88 24.89 -32.54
CA ALA B 171 14.49 26.21 -32.58
C ALA B 171 16.01 26.13 -32.52
N VAL B 172 16.55 25.16 -31.79
CA VAL B 172 17.99 24.97 -31.77
C VAL B 172 18.48 24.48 -33.13
N ILE B 173 17.70 23.61 -33.78
CA ILE B 173 18.06 23.12 -35.10
C ILE B 173 18.07 24.26 -36.12
N VAL B 174 17.07 25.14 -36.06
CA VAL B 174 17.03 26.23 -37.04
C VAL B 174 18.06 27.30 -36.69
N ILE B 175 18.41 27.43 -35.41
CA ILE B 175 19.37 28.46 -35.03
C ILE B 175 20.78 27.97 -35.31
N PHE B 176 20.95 26.66 -35.51
CA PHE B 176 22.22 26.18 -36.03
C PHE B 176 22.22 26.10 -37.54
N TRP B 177 21.04 26.04 -38.16
CA TRP B 177 20.97 26.17 -39.61
C TRP B 177 21.40 27.57 -40.03
N LEU B 178 20.93 28.57 -39.32
CA LEU B 178 21.55 29.88 -39.43
C LEU B 178 22.87 29.87 -38.67
N ASN B 179 23.76 30.78 -39.06
CA ASN B 179 25.05 31.08 -38.43
C ASN B 179 26.07 29.95 -38.48
N PHE B 180 25.71 28.79 -39.03
CA PHE B 180 26.61 27.65 -39.09
C PHE B 180 26.27 26.83 -40.32
N GLY B 181 27.14 25.88 -40.64
CA GLY B 181 26.94 25.00 -41.77
C GLY B 181 26.02 23.85 -41.43
N LEU B 182 25.74 23.03 -42.43
CA LEU B 182 24.85 21.90 -42.30
C LEU B 182 25.44 20.79 -41.43
N GLY B 183 26.77 20.76 -41.29
CA GLY B 183 27.43 19.70 -40.55
C GLY B 183 27.08 19.70 -39.08
N LEU B 184 26.96 20.89 -38.49
CA LEU B 184 26.54 20.99 -37.10
C LEU B 184 25.10 20.52 -36.93
N VAL B 185 24.25 20.81 -37.92
CA VAL B 185 22.85 20.43 -37.85
C VAL B 185 22.70 18.92 -37.89
N THR B 186 23.40 18.26 -38.82
CA THR B 186 23.27 16.82 -38.91
C THR B 186 23.97 16.11 -37.75
N ALA B 187 25.02 16.73 -37.20
CA ALA B 187 25.68 16.16 -36.03
C ALA B 187 24.78 16.22 -34.81
N THR B 188 24.12 17.36 -34.60
CA THR B 188 23.20 17.49 -33.48
C THR B 188 22.01 16.57 -33.62
N ILE B 189 21.48 16.43 -34.84
CA ILE B 189 20.29 15.60 -35.00
C ILE B 189 20.65 14.12 -34.89
N LEU B 190 21.88 13.76 -35.26
CA LEU B 190 22.32 12.39 -35.09
C LEU B 190 22.52 12.07 -33.61
N ALA B 191 23.07 13.04 -32.87
CA ALA B 191 23.25 12.84 -31.44
C ALA B 191 21.92 12.73 -30.72
N VAL B 192 20.94 13.53 -31.13
CA VAL B 192 19.61 13.47 -30.50
C VAL B 192 18.95 12.13 -30.77
N ILE B 193 19.05 11.65 -32.02
CA ILE B 193 18.42 10.39 -32.40
C ILE B 193 19.05 9.22 -31.65
N ALA B 194 20.39 9.17 -31.63
CA ALA B 194 21.05 8.04 -30.97
C ALA B 194 20.88 8.12 -29.46
N TYR B 195 20.79 9.33 -28.92
CA TYR B 195 20.52 9.54 -27.50
C TYR B 195 19.19 8.94 -27.09
N VAL B 196 18.11 9.34 -27.78
CA VAL B 196 16.78 8.89 -27.38
C VAL B 196 16.62 7.40 -27.66
N TRP B 197 17.35 6.89 -28.67
CA TRP B 197 17.28 5.46 -28.99
C TRP B 197 17.91 4.61 -27.89
N THR B 198 19.13 4.96 -27.46
CA THR B 198 19.78 4.16 -26.43
C THR B 198 19.08 4.34 -25.09
N THR B 199 18.46 5.51 -24.88
CA THR B 199 17.72 5.72 -23.64
C THR B 199 16.50 4.83 -23.56
N ARG B 200 15.74 4.73 -24.66
CA ARG B 200 14.55 3.90 -24.68
C ARG B 200 14.89 2.43 -24.47
N THR B 201 15.94 1.95 -25.16
CA THR B 201 16.33 0.54 -25.03
C THR B 201 16.80 0.20 -23.61
N ILE B 202 17.69 1.04 -23.06
CA ILE B 202 18.27 0.68 -21.78
C ILE B 202 17.28 0.92 -20.65
N THR B 203 16.28 1.78 -20.88
CA THR B 203 15.24 1.96 -19.86
C THR B 203 14.29 0.77 -19.84
N GLU B 204 14.00 0.19 -21.01
CA GLU B 204 13.18 -1.02 -21.04
C GLU B 204 13.89 -2.18 -20.33
N TRP B 205 15.20 -2.31 -20.57
CA TRP B 205 15.99 -3.31 -19.86
C TRP B 205 16.00 -3.07 -18.34
N ARG B 206 16.08 -1.80 -17.94
CA ARG B 206 16.10 -1.45 -16.53
C ARG B 206 14.76 -1.76 -15.86
N THR B 207 13.65 -1.51 -16.56
CA THR B 207 12.34 -1.82 -16.00
C THR B 207 12.15 -3.33 -15.80
N HIS B 208 12.67 -4.12 -16.75
CA HIS B 208 12.67 -5.57 -16.61
C HIS B 208 13.40 -6.01 -15.35
N LEU B 209 14.61 -5.47 -15.15
CA LEU B 209 15.39 -5.80 -13.95
C LEU B 209 14.69 -5.35 -12.68
N ARG B 210 13.99 -4.22 -12.74
CA ARG B 210 13.33 -3.69 -11.54
C ARG B 210 12.15 -4.56 -11.14
N GLU B 211 11.41 -5.08 -12.13
CA GLU B 211 10.32 -6.01 -11.83
C GLU B 211 10.82 -7.28 -11.16
N LYS B 212 11.92 -7.84 -11.71
CA LYS B 212 12.51 -9.03 -11.10
C LYS B 212 12.97 -8.76 -9.66
N MET B 213 13.58 -7.59 -9.44
CA MET B 213 14.05 -7.22 -8.12
C MET B 213 12.90 -7.05 -7.13
N ASN B 214 11.77 -6.51 -7.61
CA ASN B 214 10.62 -6.30 -6.74
C ASN B 214 10.03 -7.62 -6.26
N ARG B 215 9.83 -8.57 -7.18
CA ARG B 215 9.21 -9.82 -6.74
C ARG B 215 10.16 -10.64 -5.88
N LEU B 216 11.48 -10.53 -6.12
CA LEU B 216 12.44 -11.22 -5.27
C LEU B 216 12.45 -10.62 -3.86
N ASP B 217 12.29 -9.30 -3.76
CA ASP B 217 12.21 -8.62 -2.47
C ASP B 217 10.98 -9.09 -1.69
N GLY B 218 9.84 -9.21 -2.38
CA GLY B 218 8.64 -9.69 -1.73
C GLY B 218 8.77 -11.10 -1.19
N GLN B 219 9.44 -11.98 -1.95
CA GLN B 219 9.71 -13.33 -1.48
C GLN B 219 10.57 -13.34 -0.22
N ALA B 220 11.62 -12.51 -0.19
CA ALA B 220 12.51 -12.46 0.97
C ALA B 220 11.78 -11.99 2.22
N LEU B 221 10.96 -10.94 2.07
CA LEU B 221 10.22 -10.42 3.23
C LEU B 221 9.20 -11.43 3.75
N ALA B 222 8.54 -12.15 2.83
CA ALA B 222 7.55 -13.14 3.24
C ALA B 222 8.21 -14.30 4.00
N ARG B 223 9.38 -14.75 3.52
CA ARG B 223 10.12 -15.79 4.24
C ARG B 223 10.50 -15.33 5.63
N ALA B 224 10.89 -14.05 5.76
CA ALA B 224 11.28 -13.51 7.06
C ALA B 224 10.11 -13.50 8.04
N VAL B 225 8.95 -12.99 7.61
CA VAL B 225 7.84 -12.84 8.56
C VAL B 225 7.25 -14.20 8.92
N ASP B 226 7.25 -15.15 7.98
CA ASP B 226 6.73 -16.48 8.30
C ASP B 226 7.66 -17.22 9.25
N SER B 227 8.98 -17.07 9.05
CA SER B 227 9.94 -17.70 9.95
C SER B 227 9.86 -17.10 11.34
N LEU B 228 9.49 -15.82 11.43
CA LEU B 228 9.32 -15.25 12.75
C LEU B 228 8.02 -15.73 13.40
N LEU B 229 6.95 -15.87 12.60
CA LEU B 229 5.65 -16.16 13.18
C LEU B 229 5.53 -17.60 13.68
N ASN B 230 6.28 -18.54 13.12
CA ASN B 230 6.20 -19.93 13.56
C ASN B 230 7.31 -20.25 14.56
N TYR B 231 7.54 -19.27 15.45
CA TYR B 231 8.66 -19.28 16.37
C TYR B 231 8.63 -20.48 17.30
N GLU B 232 7.44 -20.93 17.69
CA GLU B 232 7.31 -22.04 18.62
C GLU B 232 7.80 -23.34 18.01
N THR B 233 7.36 -23.65 16.79
CA THR B 233 7.81 -24.87 16.12
C THR B 233 9.29 -24.77 15.75
N VAL B 234 9.74 -23.55 15.41
CA VAL B 234 11.14 -23.36 15.08
C VAL B 234 12.00 -23.63 16.30
N LYS B 235 11.50 -23.31 17.48
CA LYS B 235 12.19 -23.68 18.70
C LYS B 235 12.03 -25.17 18.97
N TYR B 236 10.92 -25.74 18.51
CA TYR B 236 10.63 -27.14 18.78
C TYR B 236 11.53 -28.07 18.00
N PHE B 237 12.19 -27.57 16.96
CA PHE B 237 13.04 -28.46 16.19
C PHE B 237 14.46 -27.96 15.99
N GLY B 238 14.84 -26.87 16.66
CA GLY B 238 16.21 -26.39 16.63
C GLY B 238 16.69 -25.96 15.27
N ALA B 239 15.78 -25.49 14.43
CA ALA B 239 16.09 -25.15 13.05
C ALA B 239 16.44 -23.68 12.88
N GLU B 240 17.05 -23.07 13.90
CA GLU B 240 17.40 -21.66 13.84
C GLU B 240 18.46 -21.41 12.78
N SER B 241 19.47 -22.28 12.72
CA SER B 241 20.50 -22.17 11.70
C SER B 241 19.93 -22.38 10.31
N ARG B 242 18.98 -23.31 10.20
CA ARG B 242 18.28 -23.56 8.93
C ARG B 242 17.55 -22.33 8.45
N GLU B 243 16.80 -21.69 9.35
CA GLU B 243 16.02 -20.52 8.97
C GLU B 243 16.90 -19.31 8.71
N GLU B 244 18.01 -19.19 9.45
CA GLU B 244 18.95 -18.11 9.20
C GLU B 244 19.61 -18.25 7.84
N ALA B 245 19.98 -19.48 7.46
CA ALA B 245 20.55 -19.70 6.14
C ALA B 245 19.53 -19.43 5.04
N ARG B 246 18.27 -19.78 5.30
CA ARG B 246 17.21 -19.51 4.33
C ARG B 246 17.00 -18.02 4.13
N TYR B 247 16.93 -17.26 5.22
CA TYR B 247 16.76 -15.82 5.13
C TYR B 247 17.96 -15.16 4.49
N ALA B 248 19.15 -15.68 4.77
CA ALA B 248 20.37 -15.13 4.16
C ALA B 248 20.40 -15.37 2.67
N SER B 249 19.93 -16.55 2.23
CA SER B 249 19.90 -16.85 0.81
C SER B 249 18.93 -15.93 0.08
N ALA B 250 17.76 -15.69 0.67
CA ALA B 250 16.79 -14.80 0.05
C ALA B 250 17.31 -13.37 -0.02
N ALA B 251 17.92 -12.90 1.07
CA ALA B 251 18.44 -11.53 1.10
C ALA B 251 19.61 -11.36 0.14
N ARG B 252 20.41 -12.41 -0.04
CA ARG B 252 21.55 -12.36 -0.96
C ARG B 252 21.08 -12.26 -2.39
N ALA B 253 20.07 -13.04 -2.77
CA ALA B 253 19.54 -12.96 -4.13
C ALA B 253 18.90 -11.60 -4.38
N TYR B 254 18.22 -11.04 -3.37
CA TYR B 254 17.62 -9.71 -3.53
C TYR B 254 18.70 -8.64 -3.68
N ALA B 255 19.81 -8.80 -2.94
CA ALA B 255 20.91 -7.83 -3.04
C ALA B 255 21.55 -7.87 -4.41
N ASP B 256 21.68 -9.07 -5.00
CA ASP B 256 22.26 -9.16 -6.34
C ASP B 256 21.34 -8.55 -7.39
N ALA B 257 20.02 -8.69 -7.20
CA ALA B 257 19.07 -8.04 -8.11
C ALA B 257 19.15 -6.52 -8.00
N ALA B 258 19.31 -6.00 -6.79
CA ALA B 258 19.43 -4.55 -6.61
C ALA B 258 20.73 -4.02 -7.22
N VAL B 259 21.81 -4.79 -7.10
CA VAL B 259 23.08 -4.40 -7.71
C VAL B 259 22.95 -4.34 -9.23
N LYS B 260 22.23 -5.30 -9.82
CA LYS B 260 22.06 -5.27 -11.28
C LYS B 260 21.17 -4.11 -11.72
N SER B 261 20.20 -3.72 -10.89
CA SER B 261 19.39 -2.55 -11.21
C SER B 261 20.22 -1.27 -11.20
N GLU B 262 21.08 -1.12 -10.19
CA GLU B 262 21.94 0.06 -10.16
C GLU B 262 22.98 0.03 -11.27
N ASN B 263 23.37 -1.16 -11.72
CA ASN B 263 24.24 -1.26 -12.89
C ASN B 263 23.54 -0.76 -14.14
N SER B 264 22.25 -1.06 -14.27
CA SER B 264 21.49 -0.56 -15.42
C SER B 264 21.42 0.96 -15.41
N LEU B 265 21.16 1.54 -14.23
CA LEU B 265 21.08 3.01 -14.16
C LEU B 265 22.44 3.66 -14.43
N GLY B 266 23.51 3.02 -13.95
CA GLY B 266 24.85 3.51 -14.23
C GLY B 266 25.17 3.50 -15.71
N LEU B 267 24.79 2.42 -16.41
CA LEU B 267 25.05 2.35 -17.84
C LEU B 267 24.23 3.38 -18.61
N LEU B 268 23.01 3.68 -18.13
CA LEU B 268 22.21 4.74 -18.73
C LEU B 268 22.93 6.08 -18.66
N ASN B 269 23.41 6.45 -17.47
CA ASN B 269 24.07 7.75 -17.32
C ASN B 269 25.38 7.79 -18.09
N ILE B 270 26.08 6.65 -18.17
CA ILE B 270 27.33 6.59 -18.91
C ILE B 270 27.10 6.84 -20.39
N ALA B 271 26.09 6.18 -20.97
CA ALA B 271 25.81 6.34 -22.40
C ALA B 271 25.38 7.76 -22.72
N GLN B 272 24.53 8.35 -21.86
CA GLN B 272 24.05 9.70 -22.11
C GLN B 272 25.19 10.72 -22.05
N ALA B 273 26.03 10.64 -21.01
CA ALA B 273 27.12 11.58 -20.90
C ALA B 273 28.14 11.39 -22.01
N LEU B 274 28.35 10.14 -22.44
CA LEU B 274 29.29 9.86 -23.52
C LEU B 274 28.86 10.54 -24.80
N ILE B 275 27.58 10.38 -25.16
CA ILE B 275 27.16 10.89 -26.46
C ILE B 275 27.09 12.42 -26.44
N VAL B 276 26.71 13.01 -25.31
CA VAL B 276 26.61 14.46 -25.28
C VAL B 276 27.99 15.11 -25.25
N ASN B 277 28.97 14.44 -24.64
CA ASN B 277 30.29 15.04 -24.61
C ASN B 277 31.01 14.85 -25.93
N LEU B 278 30.70 13.77 -26.66
CA LEU B 278 31.24 13.63 -28.01
C LEU B 278 30.70 14.71 -28.93
N LEU B 279 29.41 15.02 -28.81
CA LEU B 279 28.83 16.10 -29.61
C LEU B 279 29.45 17.45 -29.25
N MET B 280 29.68 17.68 -27.95
CA MET B 280 30.24 18.95 -27.53
C MET B 280 31.68 19.11 -28.00
N ALA B 281 32.46 18.02 -27.97
CA ALA B 281 33.83 18.07 -28.47
C ALA B 281 33.87 18.35 -29.95
N GLY B 282 32.99 17.70 -30.72
CA GLY B 282 32.95 17.92 -32.16
C GLY B 282 32.56 19.34 -32.51
N ALA B 283 31.53 19.87 -31.84
CA ALA B 283 31.06 21.22 -32.14
C ALA B 283 32.10 22.26 -31.76
N MET B 284 32.76 22.08 -30.62
CA MET B 284 33.73 23.08 -30.21
C MET B 284 34.99 23.03 -31.06
N ALA B 285 35.40 21.84 -31.50
CA ALA B 285 36.53 21.74 -32.40
C ALA B 285 36.22 22.40 -33.74
N TRP B 286 34.99 22.20 -34.23
CA TRP B 286 34.61 22.82 -35.48
C TRP B 286 34.59 24.34 -35.37
N THR B 287 34.08 24.87 -34.27
CA THR B 287 33.98 26.33 -34.20
C THR B 287 35.33 26.96 -33.90
N VAL B 288 36.25 26.23 -33.25
CA VAL B 288 37.56 26.84 -33.05
C VAL B 288 38.37 26.78 -34.33
N TYR B 289 38.11 25.78 -35.18
CA TYR B 289 38.74 25.81 -36.50
C TYR B 289 38.18 26.93 -37.35
N GLY B 290 36.87 27.15 -37.26
CA GLY B 290 36.26 28.25 -38.00
C GLY B 290 36.72 29.60 -37.51
N TRP B 291 37.09 29.70 -36.23
CA TRP B 291 37.77 30.89 -35.77
C TRP B 291 39.15 31.01 -36.38
N SER B 292 39.85 29.88 -36.47
CA SER B 292 41.23 29.89 -36.95
C SER B 292 41.34 30.33 -38.39
N GLN B 293 40.36 29.97 -39.21
CA GLN B 293 40.33 30.53 -40.56
C GLN B 293 39.50 31.80 -40.64
N GLY B 294 39.29 32.49 -39.52
CA GLY B 294 38.83 33.86 -39.53
C GLY B 294 37.36 34.08 -39.84
N LYS B 295 36.57 33.03 -40.00
CA LYS B 295 35.15 33.25 -40.29
C LYS B 295 34.37 33.58 -39.03
N LEU B 296 34.73 32.95 -37.92
CA LEU B 296 33.90 32.96 -36.72
C LEU B 296 34.62 33.66 -35.58
N THR B 297 33.86 34.40 -34.78
CA THR B 297 34.47 35.12 -33.68
C THR B 297 34.58 34.21 -32.47
N VAL B 298 35.08 34.77 -31.37
CA VAL B 298 35.29 33.95 -30.18
C VAL B 298 33.98 33.69 -29.45
N GLY B 299 32.93 34.46 -29.73
CA GLY B 299 31.69 34.27 -29.01
C GLY B 299 30.94 33.03 -29.45
N ASP B 300 31.28 32.50 -30.62
CA ASP B 300 30.58 31.34 -31.15
C ASP B 300 30.93 30.09 -30.35
N LEU B 301 32.13 30.07 -29.77
CA LEU B 301 32.51 28.99 -28.88
C LEU B 301 31.61 28.93 -27.66
N VAL B 302 31.45 30.05 -26.96
CA VAL B 302 30.65 30.05 -25.74
C VAL B 302 29.17 29.95 -26.08
N PHE B 303 28.81 30.38 -27.29
CA PHE B 303 27.47 30.21 -27.83
C PHE B 303 27.07 28.74 -27.88
N VAL B 304 27.84 27.94 -28.63
CA VAL B 304 27.49 26.52 -28.77
C VAL B 304 27.73 25.79 -27.45
N ASN B 305 28.62 26.33 -26.61
CA ASN B 305 28.92 25.73 -25.32
C ASN B 305 27.73 25.77 -24.39
N THR B 306 27.08 26.92 -24.27
CA THR B 306 25.91 26.95 -23.38
C THR B 306 24.70 26.32 -24.06
N TYR B 307 24.67 26.34 -25.40
CA TYR B 307 23.53 25.72 -26.10
C TYR B 307 23.45 24.23 -25.85
N LEU B 308 24.57 23.52 -25.91
CA LEU B 308 24.47 22.07 -25.80
C LEU B 308 24.16 21.62 -24.37
N THR B 309 24.76 22.28 -23.38
CA THR B 309 24.52 21.91 -22.00
C THR B 309 23.12 22.31 -21.55
N GLN B 310 22.51 23.31 -22.19
CA GLN B 310 21.11 23.58 -21.84
C GLN B 310 20.16 22.75 -22.68
N LEU B 311 20.64 22.23 -23.81
CA LEU B 311 19.74 21.48 -24.68
C LEU B 311 19.53 20.06 -24.17
N PHE B 312 20.61 19.34 -23.87
CA PHE B 312 20.46 17.90 -23.72
C PHE B 312 19.93 17.45 -22.38
N ARG B 313 19.50 18.35 -21.51
CA ARG B 313 19.01 17.87 -20.21
C ARG B 313 17.57 17.32 -20.26
N PRO B 314 16.54 18.01 -20.78
CA PRO B 314 15.19 17.48 -20.60
C PRO B 314 14.80 16.41 -21.59
N LEU B 315 15.72 15.85 -22.37
CA LEU B 315 15.35 14.88 -23.38
C LEU B 315 15.21 13.47 -22.84
N ASP B 316 15.46 13.25 -21.56
CA ASP B 316 15.53 11.89 -21.03
C ASP B 316 14.17 11.24 -20.84
N MET B 317 13.09 12.00 -20.86
CA MET B 317 11.83 11.51 -20.35
C MET B 317 11.02 10.72 -21.36
N LEU B 318 11.52 10.54 -22.59
CA LEU B 318 10.66 10.14 -23.72
C LEU B 318 10.11 8.72 -23.58
N GLY B 319 10.93 7.81 -23.07
CA GLY B 319 10.49 6.43 -22.92
C GLY B 319 9.38 6.27 -21.90
N MET B 320 9.52 6.93 -20.76
CA MET B 320 8.44 6.91 -19.78
C MET B 320 7.25 7.76 -20.22
N VAL B 321 7.48 8.73 -21.10
CA VAL B 321 6.38 9.55 -21.61
C VAL B 321 5.46 8.72 -22.49
N TYR B 322 6.03 7.85 -23.32
CA TYR B 322 5.21 6.97 -24.16
C TYR B 322 4.37 6.02 -23.31
N ARG B 323 4.96 5.48 -22.25
CA ARG B 323 4.23 4.58 -21.37
C ARG B 323 3.11 5.31 -20.62
N THR B 324 3.40 6.52 -20.12
CA THR B 324 2.40 7.24 -19.36
C THR B 324 1.27 7.74 -20.26
N ILE B 325 1.58 8.08 -21.52
CA ILE B 325 0.51 8.56 -22.39
C ILE B 325 -0.34 7.38 -22.86
N ARG B 326 0.25 6.19 -22.96
CA ARG B 326 -0.55 5.00 -23.26
C ARG B 326 -1.48 4.66 -22.09
N GLN B 327 -0.98 4.79 -20.86
CA GLN B 327 -1.81 4.49 -19.69
C GLN B 327 -2.91 5.52 -19.52
N GLY B 328 -2.60 6.79 -19.78
CA GLY B 328 -3.62 7.81 -19.73
C GLY B 328 -4.67 7.62 -20.80
N LEU B 329 -4.26 7.17 -21.99
CA LEU B 329 -5.22 6.88 -23.05
C LEU B 329 -6.16 5.74 -22.65
N ILE B 330 -5.60 4.71 -22.00
CA ILE B 330 -6.41 3.58 -21.52
C ILE B 330 -7.42 4.05 -20.48
N ASP B 331 -6.97 4.87 -19.53
CA ASP B 331 -7.86 5.29 -18.45
C ASP B 331 -8.94 6.24 -18.95
N MET B 332 -8.60 7.13 -19.87
CA MET B 332 -9.60 8.04 -20.41
C MET B 332 -10.61 7.31 -21.28
N ALA B 333 -10.14 6.29 -22.01
CA ALA B 333 -11.07 5.45 -22.76
C ALA B 333 -12.02 4.71 -21.83
N GLU B 334 -11.51 4.31 -20.65
CA GLU B 334 -12.36 3.63 -19.68
C GLU B 334 -13.42 4.55 -19.10
N MET B 335 -13.02 5.77 -18.73
CA MET B 335 -13.98 6.74 -18.21
C MET B 335 -15.01 7.13 -19.26
N PHE B 336 -14.57 7.23 -20.52
CA PHE B 336 -15.52 7.57 -21.58
C PHE B 336 -16.46 6.40 -21.88
N ARG B 337 -16.00 5.16 -21.73
CA ARG B 337 -16.88 4.02 -21.88
C ARG B 337 -17.91 3.97 -20.77
N LEU B 338 -17.51 4.33 -19.55
CA LEU B 338 -18.47 4.40 -18.45
C LEU B 338 -19.46 5.54 -18.66
N ILE B 339 -19.03 6.60 -19.35
CA ILE B 339 -19.98 7.63 -19.76
C ILE B 339 -20.97 7.08 -20.75
N ASP B 340 -20.49 6.48 -21.85
CA ASP B 340 -21.39 6.15 -22.94
C ASP B 340 -22.21 4.89 -22.67
N THR B 341 -21.95 4.20 -21.56
CA THR B 341 -22.84 3.11 -21.17
C THR B 341 -24.21 3.66 -20.83
N HIS B 342 -25.20 3.29 -21.62
CA HIS B 342 -26.56 3.78 -21.45
C HIS B 342 -27.25 3.00 -20.34
N ILE B 343 -28.36 3.55 -19.87
CA ILE B 343 -29.12 2.94 -18.78
C ILE B 343 -30.12 1.97 -19.39
N GLU B 344 -30.35 0.85 -18.72
CA GLU B 344 -31.35 -0.10 -19.20
C GLU B 344 -32.76 0.44 -19.00
N VAL B 345 -33.09 0.83 -17.80
CA VAL B 345 -34.40 1.36 -17.46
C VAL B 345 -34.33 2.87 -17.59
N ALA B 346 -35.31 3.47 -18.24
CA ALA B 346 -35.37 4.92 -18.36
C ALA B 346 -36.82 5.37 -18.30
N ASP B 347 -37.00 6.65 -17.95
CA ASP B 347 -38.33 7.24 -17.99
C ASP B 347 -38.76 7.43 -19.44
N VAL B 348 -40.07 7.44 -19.65
CA VAL B 348 -40.61 7.65 -21.00
C VAL B 348 -40.43 9.12 -21.35
N PRO B 349 -40.25 9.45 -22.62
CA PRO B 349 -40.24 10.86 -23.02
C PRO B 349 -41.60 11.50 -22.77
N ASN B 350 -41.55 12.72 -22.21
CA ASN B 350 -42.70 13.39 -21.60
C ASN B 350 -43.35 12.47 -20.57
N ALA B 351 -42.60 12.15 -19.52
CA ALA B 351 -43.17 11.35 -18.45
C ALA B 351 -44.02 12.23 -17.55
N PRO B 352 -45.31 11.93 -17.40
CA PRO B 352 -46.13 12.69 -16.47
C PRO B 352 -45.81 12.29 -15.04
N ALA B 353 -46.09 13.21 -14.12
CA ALA B 353 -45.84 12.93 -12.72
C ALA B 353 -46.89 11.97 -12.18
N LEU B 354 -46.42 11.01 -11.39
CA LEU B 354 -47.34 10.14 -10.67
C LEU B 354 -48.07 10.95 -9.61
N VAL B 355 -49.39 10.94 -9.68
CA VAL B 355 -50.23 11.68 -8.74
C VAL B 355 -51.01 10.66 -7.93
N VAL B 356 -51.00 10.83 -6.61
CA VAL B 356 -51.66 9.90 -5.70
C VAL B 356 -52.75 10.66 -4.95
N ASN B 357 -53.98 10.15 -5.04
CA ASN B 357 -55.06 10.54 -4.16
C ASN B 357 -55.57 9.37 -3.32
N ARG B 358 -55.46 8.17 -3.86
CA ARG B 358 -55.85 6.95 -3.15
C ARG B 358 -54.74 5.93 -3.38
N PRO B 359 -53.82 5.75 -2.44
CA PRO B 359 -52.61 4.92 -2.68
C PRO B 359 -52.93 3.44 -2.85
N SER B 360 -53.47 3.12 -4.02
CA SER B 360 -53.86 1.76 -4.34
C SER B 360 -52.81 1.11 -5.24
N VAL B 361 -52.56 -0.16 -4.99
CA VAL B 361 -51.61 -0.94 -5.79
C VAL B 361 -52.42 -1.96 -6.58
N THR B 362 -52.01 -2.24 -7.80
CA THR B 362 -52.48 -3.43 -8.49
C THR B 362 -51.37 -4.04 -9.33
N PHE B 363 -51.17 -5.33 -9.13
CA PHE B 363 -50.29 -6.15 -9.96
C PHE B 363 -51.17 -6.74 -11.03
N ASP B 364 -50.67 -6.83 -12.26
CA ASP B 364 -51.50 -7.22 -13.40
C ASP B 364 -50.69 -8.13 -14.32
N ASN B 365 -50.80 -9.46 -14.11
CA ASN B 365 -50.23 -10.49 -14.98
C ASN B 365 -48.72 -10.32 -15.12
N VAL B 366 -48.11 -9.94 -14.01
CA VAL B 366 -46.75 -9.44 -14.03
C VAL B 366 -45.77 -10.60 -14.20
N VAL B 367 -44.88 -10.47 -15.18
CA VAL B 367 -43.91 -11.49 -15.53
C VAL B 367 -42.52 -10.93 -15.27
N PHE B 368 -41.73 -11.66 -14.49
CA PHE B 368 -40.39 -11.20 -14.19
C PHE B 368 -39.48 -12.38 -13.88
N GLY B 369 -38.24 -12.25 -14.32
CA GLY B 369 -37.11 -12.92 -13.70
C GLY B 369 -35.93 -11.99 -13.79
N TYR B 370 -34.94 -12.25 -12.94
CA TYR B 370 -33.71 -11.46 -12.97
C TYR B 370 -32.96 -11.66 -14.28
N ASP B 371 -32.94 -12.88 -14.77
CA ASP B 371 -32.32 -13.22 -16.05
C ASP B 371 -33.32 -13.98 -16.90
N ARG B 372 -33.17 -13.86 -18.22
CA ARG B 372 -34.19 -14.33 -19.15
C ARG B 372 -34.29 -15.86 -19.22
N ASP B 373 -33.30 -16.59 -18.73
CA ASP B 373 -33.33 -18.04 -18.80
C ASP B 373 -33.99 -18.69 -17.59
N ARG B 374 -34.42 -17.91 -16.60
CA ARG B 374 -35.15 -18.47 -15.46
C ARG B 374 -36.23 -17.47 -15.05
N GLU B 375 -37.47 -17.78 -15.40
CA GLU B 375 -38.61 -16.95 -15.02
C GLU B 375 -39.03 -17.27 -13.60
N ILE B 376 -39.08 -16.25 -12.76
CA ILE B 376 -39.40 -16.39 -11.34
C ILE B 376 -40.81 -15.91 -11.05
N LEU B 377 -41.24 -14.83 -11.70
CA LEU B 377 -42.56 -14.28 -11.51
C LEU B 377 -43.43 -14.64 -12.71
N HIS B 378 -44.57 -15.29 -12.46
CA HIS B 378 -45.36 -15.87 -13.52
C HIS B 378 -46.75 -15.26 -13.67
N GLY B 379 -47.57 -15.32 -12.62
CA GLY B 379 -48.98 -15.01 -12.80
C GLY B 379 -49.62 -14.16 -11.72
N LEU B 380 -48.87 -13.24 -11.14
CA LEU B 380 -49.39 -12.41 -10.07
C LEU B 380 -50.27 -11.28 -10.62
N SER B 381 -51.47 -11.18 -10.05
CA SER B 381 -52.44 -10.15 -10.39
C SER B 381 -53.32 -9.92 -9.18
N PHE B 382 -53.15 -8.79 -8.52
CA PHE B 382 -53.97 -8.52 -7.35
C PHE B 382 -54.17 -7.03 -7.19
N GLU B 383 -54.94 -6.69 -6.17
CA GLU B 383 -55.22 -5.30 -5.81
C GLU B 383 -54.97 -5.16 -4.31
N VAL B 384 -54.17 -4.16 -3.96
CA VAL B 384 -53.96 -3.78 -2.57
C VAL B 384 -54.66 -2.45 -2.36
N ALA B 385 -55.69 -2.49 -1.51
CA ALA B 385 -56.49 -1.31 -1.22
C ALA B 385 -55.72 -0.34 -0.34
N ALA B 386 -56.06 0.93 -0.46
CA ALA B 386 -55.32 1.97 0.24
C ALA B 386 -55.73 2.04 1.70
N GLY B 387 -54.74 2.13 2.58
CA GLY B 387 -54.98 2.15 4.01
C GLY B 387 -54.99 0.80 4.69
N SER B 388 -54.95 -0.28 3.93
CA SER B 388 -55.03 -1.61 4.50
C SER B 388 -53.65 -2.12 4.92
N ARG B 389 -53.64 -3.29 5.54
CA ARG B 389 -52.43 -3.97 5.95
C ARG B 389 -52.35 -5.29 5.22
N VAL B 390 -51.53 -5.37 4.18
CA VAL B 390 -51.50 -6.58 3.37
C VAL B 390 -50.18 -7.31 3.59
N ALA B 391 -50.20 -8.61 3.29
CA ALA B 391 -49.12 -9.50 3.67
C ALA B 391 -48.77 -10.46 2.54
N ILE B 392 -47.47 -10.65 2.35
CA ILE B 392 -46.92 -11.57 1.36
C ILE B 392 -46.05 -12.57 2.11
N VAL B 393 -46.26 -13.85 1.85
CA VAL B 393 -45.42 -14.89 2.43
C VAL B 393 -45.34 -16.05 1.45
N GLY B 394 -44.34 -16.90 1.66
CA GLY B 394 -44.17 -18.09 0.87
C GLY B 394 -42.95 -18.86 1.29
N PRO B 395 -42.61 -19.92 0.57
CA PRO B 395 -41.38 -20.66 0.86
C PRO B 395 -40.14 -19.93 0.40
N SER B 396 -38.98 -20.56 0.59
CA SER B 396 -37.73 -19.96 0.13
C SER B 396 -37.62 -19.99 -1.39
N GLY B 397 -38.30 -20.93 -2.05
CA GLY B 397 -38.19 -21.11 -3.47
C GLY B 397 -39.27 -20.46 -4.29
N ALA B 398 -40.27 -19.83 -3.67
CA ALA B 398 -41.25 -19.09 -4.45
C ALA B 398 -40.69 -17.75 -4.89
N GLY B 399 -39.65 -17.26 -4.23
CA GLY B 399 -39.02 -16.01 -4.60
C GLY B 399 -39.77 -14.77 -4.17
N LYS B 400 -39.97 -14.57 -2.87
CA LYS B 400 -40.80 -13.46 -2.43
C LYS B 400 -40.01 -12.16 -2.37
N SER B 401 -38.69 -12.23 -2.43
CA SER B 401 -37.87 -11.04 -2.21
C SER B 401 -37.91 -10.04 -3.36
N THR B 402 -38.39 -10.44 -4.53
CA THR B 402 -38.25 -9.58 -5.71
C THR B 402 -39.32 -8.49 -5.76
N ILE B 403 -40.32 -8.57 -4.89
CA ILE B 403 -41.52 -7.74 -5.06
C ILE B 403 -41.20 -6.28 -4.79
N ALA B 404 -40.36 -6.02 -3.78
CA ALA B 404 -39.97 -4.65 -3.48
C ALA B 404 -39.11 -4.06 -4.58
N ARG B 405 -38.21 -4.87 -5.14
CA ARG B 405 -37.34 -4.39 -6.19
C ARG B 405 -38.10 -4.11 -7.48
N LEU B 406 -39.17 -4.87 -7.74
CA LEU B 406 -39.96 -4.58 -8.93
C LEU B 406 -40.95 -3.46 -8.66
N LEU B 407 -41.30 -3.23 -7.40
CA LEU B 407 -42.18 -2.12 -7.10
C LEU B 407 -41.43 -0.79 -7.15
N PHE B 408 -40.15 -0.79 -6.81
CA PHE B 408 -39.36 0.43 -6.91
C PHE B 408 -38.88 0.73 -8.32
N ARG B 409 -39.32 -0.05 -9.31
CA ARG B 409 -38.91 0.05 -10.71
C ARG B 409 -37.39 -0.03 -10.84
N PHE B 410 -36.78 -0.93 -10.08
CA PHE B 410 -35.38 -1.23 -10.31
C PHE B 410 -35.24 -2.01 -11.60
N TYR B 411 -36.13 -2.96 -11.83
CA TYR B 411 -36.24 -3.68 -13.09
C TYR B 411 -37.64 -3.50 -13.61
N ASP B 412 -37.78 -3.46 -14.91
CA ASP B 412 -39.12 -3.48 -15.46
C ASP B 412 -39.58 -4.93 -15.62
N PRO B 413 -40.89 -5.18 -15.50
CA PRO B 413 -41.39 -6.54 -15.71
C PRO B 413 -41.28 -6.95 -17.16
N TRP B 414 -41.19 -8.26 -17.40
CA TRP B 414 -41.14 -8.77 -18.77
C TRP B 414 -42.47 -8.55 -19.46
N GLU B 415 -43.55 -8.95 -18.81
CA GLU B 415 -44.89 -8.69 -19.31
C GLU B 415 -45.81 -8.49 -18.12
N GLY B 416 -46.93 -7.84 -18.36
CA GLY B 416 -47.77 -7.40 -17.28
C GLY B 416 -47.39 -6.02 -16.85
N ARG B 417 -48.13 -5.50 -15.88
CA ARG B 417 -47.92 -4.14 -15.46
C ARG B 417 -48.31 -3.96 -14.00
N ILE B 418 -47.60 -3.06 -13.35
CA ILE B 418 -47.91 -2.65 -11.98
C ILE B 418 -48.44 -1.24 -12.03
N LEU B 419 -49.67 -1.04 -11.57
CA LEU B 419 -50.24 0.29 -11.53
C LEU B 419 -50.32 0.73 -10.07
N ILE B 420 -49.89 1.95 -9.83
CA ILE B 420 -50.16 2.64 -8.58
C ILE B 420 -51.24 3.67 -8.88
N ASP B 421 -52.34 3.60 -8.12
CA ASP B 421 -53.50 4.50 -8.25
C ASP B 421 -54.09 4.44 -9.67
N GLY B 422 -54.05 3.24 -10.25
CA GLY B 422 -54.50 3.05 -11.62
C GLY B 422 -53.60 3.64 -12.68
N GLN B 423 -52.36 3.99 -12.34
CA GLN B 423 -51.42 4.62 -13.25
C GLN B 423 -50.19 3.73 -13.39
N ASP B 424 -49.66 3.63 -14.60
CA ASP B 424 -48.52 2.77 -14.84
C ASP B 424 -47.26 3.39 -14.30
N ILE B 425 -46.64 2.71 -13.33
CA ILE B 425 -45.37 3.16 -12.78
C ILE B 425 -44.23 3.00 -13.76
N ALA B 426 -44.43 2.22 -14.82
CA ALA B 426 -43.48 2.21 -15.92
C ALA B 426 -43.62 3.45 -16.80
N HIS B 427 -44.66 4.25 -16.58
CA HIS B 427 -44.93 5.40 -17.42
C HIS B 427 -44.95 6.72 -16.68
N VAL B 428 -44.45 6.76 -15.44
CA VAL B 428 -44.39 8.00 -14.67
C VAL B 428 -42.94 8.38 -14.42
N THR B 429 -42.76 9.52 -13.77
CA THR B 429 -41.43 9.98 -13.43
C THR B 429 -40.86 9.17 -12.28
N GLN B 430 -39.59 8.77 -12.46
CA GLN B 430 -38.89 7.90 -11.52
C GLN B 430 -38.78 8.54 -10.15
N THR B 431 -38.52 9.84 -10.10
CA THR B 431 -38.34 10.50 -8.82
C THR B 431 -39.65 10.62 -8.06
N SER B 432 -40.77 10.80 -8.76
CA SER B 432 -42.06 10.86 -8.06
C SER B 432 -42.47 9.48 -7.57
N LEU B 433 -42.19 8.46 -8.37
CA LEU B 433 -42.49 7.09 -7.97
C LEU B 433 -41.69 6.69 -6.75
N ARG B 434 -40.38 6.97 -6.76
CA ARG B 434 -39.57 6.69 -5.59
C ARG B 434 -39.82 7.66 -4.45
N ALA B 435 -40.50 8.77 -4.72
CA ALA B 435 -40.89 9.66 -3.64
C ALA B 435 -42.11 9.14 -2.90
N ALA B 436 -43.07 8.58 -3.62
CA ALA B 436 -44.31 8.15 -2.98
C ALA B 436 -44.17 6.83 -2.22
N LEU B 437 -43.00 6.20 -2.21
CA LEU B 437 -42.82 4.87 -1.65
C LEU B 437 -41.90 4.93 -0.44
N GLY B 438 -41.91 3.87 0.35
CA GLY B 438 -41.01 3.71 1.48
C GLY B 438 -40.67 2.26 1.67
N ILE B 439 -39.47 1.99 2.18
CA ILE B 439 -38.97 0.63 2.28
C ILE B 439 -38.12 0.46 3.53
N VAL B 440 -38.36 -0.62 4.25
CA VAL B 440 -37.40 -1.09 5.23
C VAL B 440 -36.70 -2.29 4.60
N PRO B 441 -35.39 -2.20 4.38
CA PRO B 441 -34.67 -3.32 3.78
C PRO B 441 -34.42 -4.43 4.79
N GLN B 442 -34.13 -5.61 4.24
CA GLN B 442 -33.78 -6.75 5.09
C GLN B 442 -32.45 -6.53 5.78
N ASP B 443 -31.45 -6.11 5.03
CA ASP B 443 -30.18 -5.68 5.59
C ASP B 443 -30.19 -4.17 5.65
N SER B 444 -30.08 -3.62 6.85
CA SER B 444 -29.96 -2.20 7.05
C SER B 444 -28.50 -1.79 6.90
N VAL B 445 -28.26 -0.63 6.30
CA VAL B 445 -26.92 -0.13 6.07
C VAL B 445 -26.87 1.30 6.59
N LEU B 446 -25.69 1.72 7.03
CA LEU B 446 -25.47 3.05 7.57
C LEU B 446 -24.30 3.71 6.85
N PHE B 447 -24.41 5.01 6.63
CA PHE B 447 -23.28 5.75 6.08
C PHE B 447 -22.27 6.02 7.18
N ASN B 448 -20.99 6.06 6.79
CA ASN B 448 -19.92 6.36 7.73
C ASN B 448 -19.98 7.85 8.04
N ASP B 449 -20.86 8.20 8.95
CA ASP B 449 -21.17 9.60 9.25
C ASP B 449 -21.82 9.60 10.62
N THR B 450 -22.45 10.71 10.99
CA THR B 450 -23.17 10.72 12.24
C THR B 450 -24.56 10.11 12.08
N ILE B 451 -25.16 9.77 13.22
CA ILE B 451 -26.47 9.14 13.21
C ILE B 451 -27.55 10.14 12.83
N GLY B 452 -27.36 11.42 13.18
CA GLY B 452 -28.36 12.43 12.87
C GLY B 452 -28.47 12.69 11.39
N TYR B 453 -27.36 12.60 10.67
CA TYR B 453 -27.40 12.70 9.22
C TYR B 453 -28.06 11.48 8.60
N ASN B 454 -27.88 10.31 9.22
CA ASN B 454 -28.56 9.11 8.76
C ASN B 454 -30.06 9.22 8.94
N ILE B 455 -30.50 9.81 10.05
CA ILE B 455 -31.94 10.02 10.25
C ILE B 455 -32.45 11.06 9.27
N ALA B 456 -31.70 12.13 9.06
CA ALA B 456 -32.12 13.16 8.13
C ALA B 456 -31.87 12.78 6.68
N TYR B 457 -31.40 11.57 6.42
CA TYR B 457 -31.10 11.17 5.05
C TYR B 457 -32.34 11.01 4.20
N GLY B 458 -33.51 10.78 4.82
CA GLY B 458 -34.69 10.41 4.06
C GLY B 458 -35.23 11.54 3.21
N ARG B 459 -35.02 12.77 3.64
CA ARG B 459 -35.47 13.93 2.89
C ARG B 459 -34.28 14.85 2.69
N ASP B 460 -34.26 15.55 1.57
CA ASP B 460 -33.09 16.35 1.21
C ASP B 460 -32.97 17.56 2.13
N GLY B 461 -34.07 18.25 2.39
CA GLY B 461 -34.07 19.37 3.29
C GLY B 461 -34.62 19.01 4.65
N ALA B 462 -34.21 17.85 5.16
CA ALA B 462 -34.83 17.29 6.37
C ALA B 462 -34.53 18.12 7.61
N SER B 463 -35.59 18.63 8.22
CA SER B 463 -35.49 19.51 9.38
C SER B 463 -35.28 18.71 10.65
N ARG B 464 -34.72 19.40 11.65
CA ARG B 464 -34.41 18.78 12.93
C ARG B 464 -35.68 18.42 13.70
N ALA B 465 -36.75 19.20 13.50
CA ALA B 465 -38.04 18.86 14.08
C ALA B 465 -38.57 17.55 13.50
N GLU B 466 -38.37 17.35 12.19
CA GLU B 466 -38.73 16.08 11.60
C GLU B 466 -37.79 14.97 12.09
N VAL B 467 -36.55 15.33 12.41
CA VAL B 467 -35.57 14.35 12.88
C VAL B 467 -35.98 13.78 14.24
N ASP B 468 -36.26 14.65 15.21
CA ASP B 468 -36.64 14.09 16.52
C ASP B 468 -38.09 13.62 16.52
N ALA B 469 -38.90 14.08 15.54
CA ALA B 469 -40.22 13.49 15.34
C ALA B 469 -40.12 12.03 14.93
N ALA B 470 -39.22 11.72 14.00
CA ALA B 470 -38.99 10.33 13.64
C ALA B 470 -38.31 9.57 14.75
N ALA B 471 -37.48 10.26 15.54
CA ALA B 471 -36.77 9.58 16.63
C ALA B 471 -37.71 9.18 17.75
N LYS B 472 -38.76 9.98 18.00
CA LYS B 472 -39.78 9.53 18.94
C LYS B 472 -40.75 8.56 18.28
N GLY B 473 -40.98 8.70 16.97
CA GLY B 473 -41.93 7.82 16.30
C GLY B 473 -41.43 6.39 16.17
N ALA B 474 -40.12 6.22 16.02
CA ALA B 474 -39.51 4.89 15.99
C ALA B 474 -39.18 4.38 17.37
N ALA B 475 -39.44 5.18 18.41
CA ALA B 475 -39.03 4.93 19.79
C ALA B 475 -37.53 4.64 19.85
N ILE B 476 -36.74 5.59 19.35
CA ILE B 476 -35.30 5.58 19.47
C ILE B 476 -34.77 6.83 20.14
N ALA B 477 -35.66 7.73 20.57
CA ALA B 477 -35.26 8.98 21.22
C ALA B 477 -34.57 8.72 22.56
N ASP B 478 -34.96 7.65 23.25
CA ASP B 478 -34.22 7.25 24.44
C ASP B 478 -32.81 6.78 24.10
N PHE B 479 -32.66 6.14 22.93
CA PHE B 479 -31.34 5.69 22.51
C PHE B 479 -30.48 6.87 22.08
N ILE B 480 -31.11 7.92 21.56
CA ILE B 480 -30.33 9.11 21.20
C ILE B 480 -30.05 9.95 22.43
N ALA B 481 -30.83 9.76 23.50
CA ALA B 481 -30.52 10.42 24.76
C ALA B 481 -29.38 9.71 25.48
N ARG B 482 -29.32 8.38 25.36
CA ARG B 482 -28.28 7.59 26.01
C ARG B 482 -26.93 7.72 25.32
N LEU B 483 -26.88 8.26 24.11
CA LEU B 483 -25.60 8.42 23.42
C LEU B 483 -24.85 9.62 23.99
N PRO B 484 -23.51 9.57 24.03
CA PRO B 484 -22.75 10.72 24.57
C PRO B 484 -22.86 11.97 23.72
N GLN B 485 -22.65 11.85 22.42
CA GLN B 485 -22.78 12.98 21.52
C GLN B 485 -24.20 13.14 20.99
N GLY B 486 -25.14 12.33 21.48
CA GLY B 486 -26.54 12.47 21.12
C GLY B 486 -26.78 12.18 19.65
N TYR B 487 -27.39 13.15 18.97
CA TYR B 487 -27.60 13.02 17.53
C TYR B 487 -26.31 13.14 16.75
N ASP B 488 -25.27 13.72 17.34
CA ASP B 488 -24.04 13.95 16.60
C ASP B 488 -23.00 12.87 16.86
N THR B 489 -23.44 11.68 17.25
CA THR B 489 -22.52 10.56 17.45
C THR B 489 -22.15 9.93 16.12
N GLU B 490 -20.85 9.83 15.87
CA GLU B 490 -20.36 9.16 14.67
C GLU B 490 -20.61 7.66 14.77
N VAL B 491 -21.27 7.10 13.77
CA VAL B 491 -21.78 5.74 13.81
C VAL B 491 -21.29 4.99 12.58
N GLY B 492 -21.65 3.71 12.52
CA GLY B 492 -21.28 2.87 11.40
C GLY B 492 -19.83 2.45 11.46
N GLU B 493 -19.29 2.14 10.28
CA GLU B 493 -17.86 1.90 10.15
C GLU B 493 -17.12 3.21 10.42
N ARG B 494 -15.90 3.08 10.96
CA ARG B 494 -15.08 4.13 11.58
C ARG B 494 -15.86 4.95 12.61
N GLY B 495 -16.84 4.31 13.27
CA GLY B 495 -17.62 4.92 14.32
C GLY B 495 -18.19 3.84 15.21
N LEU B 496 -19.14 4.24 16.05
CA LEU B 496 -19.73 3.30 16.98
C LEU B 496 -20.71 2.37 16.26
N LYS B 497 -20.46 1.07 16.38
CA LYS B 497 -21.31 0.05 15.79
C LYS B 497 -22.62 -0.02 16.54
N LEU B 498 -23.70 -0.28 15.81
CA LEU B 498 -25.02 -0.38 16.41
C LEU B 498 -25.59 -1.78 16.22
N SER B 499 -26.48 -2.18 17.12
CA SER B 499 -27.08 -3.49 17.04
C SER B 499 -28.16 -3.50 15.96
N GLY B 500 -28.65 -4.71 15.66
CA GLY B 500 -29.54 -4.88 14.52
C GLY B 500 -30.89 -4.21 14.72
N GLY B 501 -31.47 -4.35 15.91
CA GLY B 501 -32.74 -3.71 16.19
C GLY B 501 -32.64 -2.20 16.22
N GLU B 502 -31.49 -1.69 16.70
CA GLU B 502 -31.23 -0.26 16.63
C GLU B 502 -31.14 0.21 15.19
N LYS B 503 -30.48 -0.56 14.34
CA LYS B 503 -30.35 -0.20 12.93
C LYS B 503 -31.69 -0.24 12.22
N GLN B 504 -32.54 -1.19 12.58
CA GLN B 504 -33.88 -1.23 12.01
C GLN B 504 -34.72 -0.05 12.47
N ARG B 505 -34.56 0.37 13.73
CA ARG B 505 -35.24 1.57 14.20
C ARG B 505 -34.75 2.81 13.46
N VAL B 506 -33.46 2.87 13.17
CA VAL B 506 -32.90 3.94 12.33
C VAL B 506 -33.55 3.92 10.95
N ALA B 507 -33.75 2.74 10.38
CA ALA B 507 -34.40 2.64 9.07
C ALA B 507 -35.85 3.10 9.15
N ILE B 508 -36.53 2.78 10.25
CA ILE B 508 -37.91 3.21 10.45
C ILE B 508 -37.99 4.73 10.55
N ALA B 509 -37.02 5.32 11.26
CA ALA B 509 -36.98 6.77 11.35
C ALA B 509 -36.67 7.40 10.00
N ARG B 510 -35.84 6.74 9.19
CA ARG B 510 -35.55 7.21 7.84
C ARG B 510 -36.82 7.24 6.99
N THR B 511 -37.61 6.17 7.07
CA THR B 511 -38.86 6.12 6.34
C THR B 511 -39.87 7.13 6.87
N LEU B 512 -39.82 7.45 8.15
CA LEU B 512 -40.76 8.44 8.67
C LEU B 512 -40.34 9.85 8.30
N VAL B 513 -39.04 10.09 8.16
CA VAL B 513 -38.59 11.35 7.58
C VAL B 513 -39.05 11.46 6.13
N LYS B 514 -39.05 10.34 5.40
CA LYS B 514 -39.53 10.40 4.03
C LYS B 514 -41.05 10.61 3.97
N ASN B 515 -41.77 10.00 4.90
CA ASN B 515 -43.23 10.07 5.00
C ASN B 515 -43.98 9.72 3.69
N PRO B 516 -44.03 8.45 3.31
CA PRO B 516 -44.82 8.09 2.14
C PRO B 516 -46.22 7.65 2.52
N PRO B 517 -47.14 7.59 1.55
CA PRO B 517 -48.41 6.90 1.83
C PRO B 517 -48.29 5.40 1.75
N ILE B 518 -47.25 4.89 1.12
CA ILE B 518 -47.06 3.46 0.89
C ILE B 518 -45.72 3.07 1.47
N LEU B 519 -45.71 2.09 2.37
CA LEU B 519 -44.45 1.56 2.87
C LEU B 519 -44.42 0.06 2.77
N LEU B 520 -43.21 -0.49 2.78
CA LEU B 520 -42.97 -1.91 2.60
C LEU B 520 -41.99 -2.42 3.65
N PHE B 521 -42.22 -3.63 4.12
CA PHE B 521 -41.29 -4.31 5.00
C PHE B 521 -40.73 -5.51 4.25
N ASP B 522 -39.51 -5.38 3.73
CA ASP B 522 -38.89 -6.45 2.96
C ASP B 522 -38.07 -7.26 3.95
N GLU B 523 -38.75 -8.22 4.61
CA GLU B 523 -38.16 -9.10 5.62
C GLU B 523 -37.48 -8.31 6.73
N ALA B 524 -38.26 -7.43 7.37
CA ALA B 524 -37.70 -6.47 8.31
C ALA B 524 -37.22 -7.14 9.60
N THR B 525 -37.75 -8.32 9.91
CA THR B 525 -37.40 -9.03 11.13
C THR B 525 -36.69 -10.34 10.86
N SER B 526 -36.19 -10.57 9.65
CA SER B 526 -35.66 -11.88 9.29
C SER B 526 -34.33 -12.16 9.95
N ALA B 527 -33.53 -11.12 10.22
CA ALA B 527 -32.23 -11.30 10.85
C ALA B 527 -32.22 -10.89 12.31
N LEU B 528 -33.38 -10.57 12.87
CA LEU B 528 -33.47 -10.11 14.24
C LEU B 528 -33.87 -11.25 15.17
N ASP B 529 -33.60 -11.06 16.46
CA ASP B 529 -34.00 -12.05 17.44
C ASP B 529 -35.48 -11.87 17.80
N THR B 530 -35.98 -12.82 18.60
CA THR B 530 -37.41 -12.84 18.91
C THR B 530 -37.80 -11.70 19.84
N ARG B 531 -36.87 -11.25 20.69
CA ARG B 531 -37.20 -10.17 21.61
C ARG B 531 -37.29 -8.84 20.89
N THR B 532 -36.28 -8.52 20.07
CA THR B 532 -36.33 -7.32 19.25
C THR B 532 -37.48 -7.37 18.26
N GLU B 533 -37.81 -8.58 17.80
CA GLU B 533 -38.96 -8.79 16.94
C GLU B 533 -40.26 -8.39 17.62
N GLN B 534 -40.49 -8.93 18.83
CA GLN B 534 -41.72 -8.65 19.56
C GLN B 534 -41.78 -7.20 20.02
N ASP B 535 -40.62 -6.57 20.20
CA ASP B 535 -40.61 -5.14 20.49
C ASP B 535 -40.93 -4.32 19.25
N ILE B 536 -40.49 -4.79 18.08
CA ILE B 536 -40.52 -3.93 16.92
C ILE B 536 -41.85 -4.04 16.18
N LEU B 537 -42.61 -5.12 16.40
CA LEU B 537 -43.89 -5.26 15.70
C LEU B 537 -44.91 -4.22 16.17
N SER B 538 -44.87 -3.87 17.46
CA SER B 538 -45.72 -2.81 17.97
C SER B 538 -45.37 -1.48 17.34
N THR B 539 -44.07 -1.24 17.14
CA THR B 539 -43.63 -0.03 16.46
C THR B 539 -44.09 -0.01 15.01
N MET B 540 -44.06 -1.18 14.35
CA MET B 540 -44.50 -1.25 12.96
C MET B 540 -46.00 -1.01 12.84
N ARG B 541 -46.77 -1.47 13.82
CA ARG B 541 -48.19 -1.15 13.86
C ARG B 541 -48.40 0.33 14.16
N ALA B 542 -47.47 0.94 14.90
CA ALA B 542 -47.56 2.37 15.16
C ALA B 542 -47.34 3.21 13.91
N VAL B 543 -46.39 2.80 13.05
CA VAL B 543 -46.27 3.53 11.78
C VAL B 543 -47.43 3.16 10.87
N ALA B 544 -48.03 2.00 11.07
CA ALA B 544 -49.10 1.50 10.23
C ALA B 544 -50.46 2.10 10.57
N SER B 545 -50.49 3.33 11.10
CA SER B 545 -51.74 4.01 11.43
C SER B 545 -52.58 4.30 10.19
N HIS B 546 -52.08 5.16 9.30
CA HIS B 546 -52.89 5.69 8.21
C HIS B 546 -52.23 5.52 6.85
N ARG B 547 -51.29 4.60 6.75
CA ARG B 547 -50.57 4.40 5.50
C ARG B 547 -50.98 3.07 4.87
N THR B 548 -50.73 2.97 3.57
CA THR B 548 -50.89 1.69 2.90
C THR B 548 -49.64 0.85 3.17
N THR B 549 -49.81 -0.23 3.92
CA THR B 549 -48.68 -1.00 4.42
C THR B 549 -48.67 -2.36 3.74
N ILE B 550 -47.54 -2.70 3.13
CA ILE B 550 -47.32 -4.01 2.55
C ILE B 550 -46.17 -4.65 3.32
N SER B 551 -46.37 -5.87 3.80
CA SER B 551 -45.35 -6.51 4.61
C SER B 551 -45.05 -7.89 4.03
N ILE B 552 -43.78 -8.17 3.80
CA ILE B 552 -43.31 -9.48 3.38
C ILE B 552 -42.45 -10.02 4.52
N ALA B 553 -42.80 -11.20 5.01
CA ALA B 553 -42.17 -11.74 6.19
C ALA B 553 -41.82 -13.20 5.99
N HIS B 554 -41.10 -13.76 6.95
CA HIS B 554 -40.73 -15.16 6.90
C HIS B 554 -41.39 -15.96 8.02
N ARG B 555 -41.59 -15.34 9.19
CA ARG B 555 -42.18 -15.99 10.35
C ARG B 555 -43.62 -15.54 10.48
N LEU B 556 -44.56 -16.47 10.25
CA LEU B 556 -45.96 -16.14 10.04
C LEU B 556 -46.63 -15.55 11.27
N SER B 557 -46.16 -15.95 12.46
CA SER B 557 -46.67 -15.38 13.70
C SER B 557 -46.44 -13.88 13.75
N THR B 558 -45.28 -13.43 13.27
CA THR B 558 -44.98 -12.02 13.17
C THR B 558 -45.90 -11.28 12.22
N ILE B 559 -46.53 -11.99 11.29
CA ILE B 559 -47.51 -11.38 10.41
C ILE B 559 -48.89 -12.00 10.64
N ALA B 560 -49.09 -12.63 11.79
CA ALA B 560 -50.38 -13.25 12.10
C ALA B 560 -51.49 -12.23 12.32
N ASP B 561 -51.17 -10.95 12.45
CA ASP B 561 -52.14 -9.91 12.80
C ASP B 561 -52.63 -9.11 11.60
N SER B 562 -52.24 -9.49 10.39
CA SER B 562 -52.54 -8.66 9.22
C SER B 562 -54.01 -8.74 8.85
N ASP B 563 -54.44 -7.79 8.00
CA ASP B 563 -55.80 -7.81 7.49
C ASP B 563 -56.03 -9.00 6.58
N THR B 564 -55.11 -9.21 5.64
CA THR B 564 -55.14 -10.38 4.79
C THR B 564 -53.73 -10.78 4.45
N ILE B 565 -53.58 -12.04 4.07
CA ILE B 565 -52.31 -12.61 3.64
C ILE B 565 -52.50 -13.12 2.22
N LEU B 566 -51.56 -12.78 1.34
CA LEU B 566 -51.47 -13.38 0.03
C LEU B 566 -50.22 -14.24 0.00
N VAL B 567 -50.40 -15.52 -0.23
CA VAL B 567 -49.30 -16.48 -0.23
C VAL B 567 -48.93 -16.77 -1.68
N LEU B 568 -47.65 -16.59 -1.99
CA LEU B 568 -47.13 -16.73 -3.34
C LEU B 568 -46.50 -18.11 -3.48
N ASP B 569 -46.61 -18.68 -4.67
CA ASP B 569 -45.92 -19.91 -5.01
C ASP B 569 -45.55 -19.89 -6.48
N GLN B 570 -44.23 -20.05 -6.74
CA GLN B 570 -43.57 -20.04 -8.06
C GLN B 570 -44.12 -18.98 -9.01
N GLY B 571 -44.22 -17.75 -8.49
CA GLY B 571 -44.72 -16.67 -9.31
C GLY B 571 -46.20 -16.70 -9.55
N ARG B 572 -46.95 -17.43 -8.74
CA ARG B 572 -48.40 -17.46 -8.85
C ARG B 572 -48.98 -17.04 -7.51
N LEU B 573 -50.08 -16.29 -7.59
CA LEU B 573 -50.85 -15.95 -6.41
C LEU B 573 -51.56 -17.22 -5.95
N ALA B 574 -50.92 -17.95 -5.05
CA ALA B 574 -51.45 -19.25 -4.65
C ALA B 574 -52.64 -19.10 -3.71
N GLU B 575 -52.45 -18.45 -2.57
CA GLU B 575 -53.50 -18.37 -1.57
C GLU B 575 -53.77 -16.92 -1.23
N GLN B 576 -54.97 -16.66 -0.72
CA GLN B 576 -55.41 -15.31 -0.39
C GLN B 576 -56.50 -15.38 0.66
N GLY B 577 -56.36 -14.59 1.72
CA GLY B 577 -57.42 -14.49 2.70
C GLY B 577 -56.88 -14.16 4.06
N SER B 578 -57.78 -14.10 5.04
CA SER B 578 -57.39 -13.74 6.39
C SER B 578 -56.74 -14.94 7.09
N HIS B 579 -56.11 -14.64 8.24
CA HIS B 579 -55.40 -15.67 8.98
C HIS B 579 -56.34 -16.73 9.52
N LEU B 580 -57.51 -16.31 10.01
CA LEU B 580 -58.52 -17.26 10.46
C LEU B 580 -59.04 -18.11 9.31
N ASP B 581 -59.16 -17.51 8.12
CA ASP B 581 -59.65 -18.24 6.97
C ASP B 581 -58.64 -19.26 6.50
N LEU B 582 -57.36 -18.93 6.55
CA LEU B 582 -56.35 -19.88 6.07
C LEU B 582 -56.08 -20.97 7.10
N LEU B 583 -56.05 -20.63 8.39
CA LEU B 583 -55.91 -21.66 9.43
C LEU B 583 -57.20 -22.47 9.60
N ARG B 584 -58.30 -22.03 8.99
CA ARG B 584 -59.48 -22.89 8.92
C ARG B 584 -59.46 -23.72 7.64
N ARG B 585 -58.83 -23.21 6.58
CA ARG B 585 -58.71 -23.99 5.35
C ARG B 585 -57.69 -25.10 5.46
N ASP B 586 -56.78 -25.00 6.44
CA ASP B 586 -55.91 -26.13 6.89
C ASP B 586 -54.96 -26.60 5.80
N GLY B 587 -54.52 -25.70 4.93
CA GLY B 587 -53.72 -26.10 3.80
C GLY B 587 -52.24 -25.89 4.03
N LEU B 588 -51.58 -25.37 2.99
CA LEU B 588 -50.15 -25.12 3.06
C LEU B 588 -49.81 -24.06 4.09
N TYR B 589 -50.73 -23.12 4.33
CA TYR B 589 -50.54 -22.14 5.39
C TYR B 589 -50.46 -22.80 6.76
N ALA B 590 -51.41 -23.71 7.04
CA ALA B 590 -51.40 -24.40 8.31
C ALA B 590 -50.20 -25.32 8.44
N GLU B 591 -49.77 -25.90 7.32
CA GLU B 591 -48.58 -26.75 7.32
C GLU B 591 -47.33 -25.95 7.64
N MET B 592 -47.18 -24.78 7.01
CA MET B 592 -46.07 -23.89 7.31
C MET B 592 -46.15 -23.36 8.73
N TRP B 593 -47.37 -23.14 9.22
CA TRP B 593 -47.57 -22.63 10.57
C TRP B 593 -47.13 -23.66 11.61
N ALA B 594 -47.53 -24.91 11.41
CA ALA B 594 -47.12 -25.97 12.31
C ALA B 594 -45.63 -26.27 12.16
N ARG B 595 -45.09 -26.07 10.95
CA ARG B 595 -43.67 -26.22 10.72
C ARG B 595 -42.88 -25.18 11.50
N GLN B 596 -43.35 -23.94 11.48
CA GLN B 596 -42.68 -22.87 12.22
C GLN B 596 -42.86 -23.05 13.72
N ALA B 597 -44.01 -23.58 14.14
CA ALA B 597 -44.24 -23.84 15.56
C ALA B 597 -43.31 -24.92 16.08
N ALA B 598 -43.13 -26.00 15.30
CA ALA B 598 -42.23 -27.06 15.72
C ALA B 598 -40.77 -26.64 15.62
N GLU B 599 -40.45 -25.79 14.65
CA GLU B 599 -39.08 -25.34 14.50
C GLU B 599 -38.72 -24.31 15.57
N SER B 600 -39.73 -23.62 16.11
CA SER B 600 -39.49 -22.73 17.23
C SER B 600 -39.46 -23.49 18.54
N ALA B 601 -40.22 -24.58 18.64
CA ALA B 601 -40.22 -25.40 19.85
C ALA B 601 -38.93 -26.20 19.96
N GLU B 602 -38.38 -26.63 18.82
CA GLU B 602 -37.13 -27.38 18.82
C GLU B 602 -35.95 -26.45 19.08
#